data_8EN2
#
_entry.id   8EN2
#
_cell.length_a   66.781
_cell.length_b   80.528
_cell.length_c   84.206
_cell.angle_alpha   90.000
_cell.angle_beta   90.030
_cell.angle_gamma   90.000
#
_symmetry.space_group_name_H-M   'P 1 21 1'
#
loop_
_entity.id
_entity.type
_entity.pdbx_description
1 polymer 'GII.10 P domain'
2 polymer 'Nanobody 34'
3 non-polymer 1,2-ETHANEDIOL
4 water water
#
loop_
_entity_poly.entity_id
_entity_poly.type
_entity_poly.pdbx_seq_one_letter_code
_entity_poly.pdbx_strand_id
1 'polypeptide(L)'
;SKPFTLPILTLGELTNSRFPLPIDVLYTNPNESAIVQCQNGRCTLDGELQGTTQLLPTGICAFRGKVTQQVQDEHRGTHW
NMTVTNLNGTPFDPTEDVPAPLGTPDFSGQIYGVISQRNTNTVPGEGNLPANRAHEAVIATYSPKFTPKLGNIQFSTWET
QDVSSGQPTKFTPVGLASVDANSHFDQWTLPSYSGALTLNMNLAPSVAPVFPGECLLFFRSFIPLKGGYGNPAIDCLMPQ
EWVQHLYQESAPSLSDVALVRYVNPETGRTLFEAKLHRNGFLTVARNSAGPVVAPTNGYFRFDSWVNQFYTLAPM
;
A,B
2 'polypeptide(L)'
;QVQLQESGGGLVQAGGSLRLSCAASGLTFSTNGMGWFRQAPGKEREFVFGVNWNGGNSYVADSVKGRFTISRDNAKNTVY
LQMNSLKLEDTAVYYCAAKMGRRLAVSRTLEEYDFRGQGTQVTVSS
;
C,D
#
loop_
_chem_comp.id
_chem_comp.type
_chem_comp.name
_chem_comp.formula
EDO non-polymer 1,2-ETHANEDIOL 'C2 H6 O2'
#
# COMPACT_ATOMS: atom_id res chain seq x y z
N SER A 1 -25.44 -7.62 29.98
CA SER A 1 -24.22 -7.05 29.40
C SER A 1 -23.53 -6.01 30.30
N LYS A 2 -22.23 -6.22 30.56
CA LYS A 2 -21.47 -5.30 31.41
C LYS A 2 -21.38 -3.93 30.75
N PRO A 3 -21.77 -2.85 31.45
CA PRO A 3 -21.77 -1.53 30.81
C PRO A 3 -20.36 -1.03 30.54
N PHE A 4 -20.19 -0.37 29.39
CA PHE A 4 -18.90 0.15 28.96
C PHE A 4 -18.54 1.41 29.74
N THR A 5 -17.28 1.51 30.15
CA THR A 5 -16.79 2.69 30.87
C THR A 5 -15.35 2.97 30.45
N LEU A 6 -14.93 4.22 30.64
CA LEU A 6 -13.55 4.66 30.57
C LEU A 6 -13.08 5.03 31.97
N PRO A 7 -11.79 4.96 32.26
CA PRO A 7 -11.32 5.41 33.57
C PRO A 7 -11.45 6.93 33.72
N ILE A 8 -11.49 7.39 34.98
CA ILE A 8 -11.56 8.82 35.26
C ILE A 8 -10.15 9.27 35.58
N LEU A 9 -9.46 9.79 34.58
CA LEU A 9 -8.05 10.14 34.69
C LEU A 9 -7.84 11.48 34.02
N THR A 10 -7.14 12.38 34.69
CA THR A 10 -6.80 13.64 34.03
C THR A 10 -5.81 13.37 32.90
N LEU A 11 -5.70 14.33 31.99
CA LEU A 11 -4.75 14.16 30.90
C LEU A 11 -3.35 13.92 31.43
N GLY A 12 -3.01 14.59 32.54
CA GLY A 12 -1.75 14.46 33.22
C GLY A 12 -1.58 13.15 33.95
N GLU A 13 -2.61 12.30 33.97
CA GLU A 13 -2.50 10.96 34.51
C GLU A 13 -2.56 9.89 33.42
N LEU A 14 -2.41 10.28 32.17
CA LEU A 14 -2.42 9.33 31.05
C LEU A 14 -1.01 9.11 30.52
N THR A 15 -0.71 7.90 30.04
CA THR A 15 0.58 7.62 29.45
C THR A 15 0.40 7.20 28.00
N ASN A 16 1.38 7.55 27.19
CA ASN A 16 1.36 7.18 25.78
C ASN A 16 1.49 5.67 25.67
N SER A 17 0.73 5.06 24.76
CA SER A 17 0.81 3.62 24.53
C SER A 17 1.83 3.23 23.45
N ARG A 18 2.52 4.18 22.83
CA ARG A 18 3.52 3.88 21.80
C ARG A 18 4.95 4.22 22.19
N PHE A 19 5.14 4.89 23.34
CA PHE A 19 6.47 5.16 23.86
C PHE A 19 6.28 5.51 25.32
N PRO A 20 7.17 5.13 26.21
CA PRO A 20 6.90 5.39 27.64
C PRO A 20 7.00 6.88 28.01
N LEU A 21 5.95 7.65 27.76
CA LEU A 21 5.91 9.09 28.00
C LEU A 21 4.56 9.48 28.57
N PRO A 22 4.48 10.53 29.40
CA PRO A 22 3.18 11.10 29.71
C PRO A 22 2.58 11.71 28.45
N ILE A 23 1.25 11.69 28.41
CA ILE A 23 0.52 12.47 27.42
C ILE A 23 0.68 13.96 27.71
N ASP A 24 1.00 14.72 26.67
CA ASP A 24 1.21 16.15 26.85
C ASP A 24 0.01 16.98 26.40
N VAL A 25 -0.58 16.63 25.25
CA VAL A 25 -1.74 17.35 24.71
C VAL A 25 -2.61 16.42 23.86
N LEU A 26 -3.90 16.77 23.73
CA LEU A 26 -4.70 16.23 22.63
C LEU A 26 -4.35 16.95 21.34
N TYR A 27 -4.44 16.25 20.20
CA TYR A 27 -3.86 16.84 19.00
C TYR A 27 -4.61 16.37 17.76
N THR A 28 -4.83 17.28 16.80
CA THR A 28 -5.38 16.89 15.50
C THR A 28 -4.44 17.29 14.37
N ASN A 29 -4.63 16.65 13.23
CA ASN A 29 -3.87 16.94 12.01
C ASN A 29 -4.64 16.42 10.79
N PRO A 30 -5.70 17.11 10.37
CA PRO A 30 -6.60 16.54 9.36
C PRO A 30 -5.98 16.40 7.98
N ASN A 31 -4.87 17.09 7.70
CA ASN A 31 -4.22 17.02 6.40
C ASN A 31 -3.24 15.85 6.26
N GLU A 32 -3.01 15.09 7.32
CA GLU A 32 -2.15 13.92 7.25
C GLU A 32 -2.47 13.07 6.03
N SER A 33 -1.46 12.82 5.20
CA SER A 33 -1.66 11.91 4.08
C SER A 33 -1.21 10.48 4.39
N ALA A 34 -0.43 10.26 5.46
CA ALA A 34 0.05 8.92 5.75
C ALA A 34 -1.10 8.01 6.19
N ILE A 35 -0.93 6.69 5.99
CA ILE A 35 -1.85 5.69 6.53
C ILE A 35 -1.57 5.50 8.01
N VAL A 36 -2.58 5.60 8.86
CA VAL A 36 -2.39 5.48 10.30
C VAL A 36 -2.70 4.03 10.67
N GLN A 37 -1.65 3.28 10.97
CA GLN A 37 -1.80 1.86 11.26
C GLN A 37 -0.76 1.45 12.30
N CYS A 38 -0.68 2.22 13.40
CA CYS A 38 0.27 1.87 14.45
C CYS A 38 -0.14 0.55 15.09
N GLN A 39 0.81 -0.08 15.76
CA GLN A 39 0.62 -1.43 16.25
C GLN A 39 0.69 -1.53 17.75
N ASN A 40 1.25 -0.54 18.42
CA ASN A 40 1.17 -0.42 19.86
C ASN A 40 0.03 0.50 20.22
N GLY A 41 -0.52 0.28 21.42
CA GLY A 41 -1.70 1.02 21.81
C GLY A 41 -2.92 0.65 21.00
N ARG A 42 -3.04 -0.62 20.57
CA ARG A 42 -4.18 -1.08 19.78
C ARG A 42 -5.04 -2.03 20.59
N CYS A 43 -6.30 -1.65 20.80
CA CYS A 43 -7.18 -2.46 21.62
C CYS A 43 -8.61 -2.13 21.23
N THR A 44 -9.43 -3.16 20.97
CA THR A 44 -10.83 -2.90 20.68
C THR A 44 -11.57 -2.45 21.93
N LEU A 45 -12.73 -1.84 21.72
CA LEU A 45 -13.51 -1.36 22.85
C LEU A 45 -13.97 -2.48 23.77
N ASP A 46 -14.15 -3.70 23.25
CA ASP A 46 -14.52 -4.83 24.10
C ASP A 46 -13.31 -5.55 24.67
N GLY A 47 -12.12 -4.97 24.52
CA GLY A 47 -10.96 -5.40 25.27
C GLY A 47 -10.05 -6.38 24.55
N GLU A 48 -10.06 -6.41 23.23
CA GLU A 48 -9.16 -7.30 22.49
C GLU A 48 -7.86 -6.55 22.13
N LEU A 49 -6.75 -7.00 22.68
CA LEU A 49 -5.45 -6.45 22.30
C LEU A 49 -5.11 -6.88 20.89
N GLN A 50 -4.53 -5.95 20.11
CA GLN A 50 -4.18 -6.21 18.71
C GLN A 50 -2.76 -5.72 18.43
N GLY A 51 -2.29 -6.05 17.22
CA GLY A 51 -0.94 -5.68 16.81
C GLY A 51 0.11 -6.25 17.72
N THR A 52 1.06 -5.41 18.14
CA THR A 52 2.07 -5.79 19.11
C THR A 52 1.73 -5.29 20.52
N THR A 53 0.47 -4.99 20.79
CA THR A 53 0.10 -4.30 22.04
C THR A 53 0.12 -5.27 23.20
N GLN A 54 0.83 -4.89 24.26
CA GLN A 54 0.83 -5.62 25.51
C GLN A 54 0.55 -4.61 26.62
N LEU A 55 0.45 -5.11 27.86
CA LEU A 55 -0.11 -4.31 28.95
C LEU A 55 0.92 -3.53 29.76
N LEU A 56 2.20 -3.95 29.74
CA LEU A 56 3.21 -3.31 30.61
C LEU A 56 3.63 -1.96 30.04
N PRO A 57 3.49 -0.86 30.80
CA PRO A 57 4.12 0.41 30.38
C PRO A 57 5.60 0.30 30.17
N THR A 58 6.28 -0.56 30.94
CA THR A 58 7.71 -0.78 30.81
C THR A 58 8.06 -1.61 29.57
N GLY A 59 7.07 -2.21 28.93
CA GLY A 59 7.34 -3.05 27.77
C GLY A 59 7.27 -2.34 26.45
N ILE A 60 6.79 -1.10 26.44
CA ILE A 60 6.57 -0.36 25.19
C ILE A 60 7.93 0.07 24.67
N CYS A 61 8.28 -0.41 23.46
CA CYS A 61 9.58 -0.13 22.84
C CYS A 61 10.74 -0.73 23.61
N ALA A 62 10.48 -1.76 24.41
CA ALA A 62 11.54 -2.44 25.13
C ALA A 62 11.91 -3.74 24.42
N PHE A 63 13.13 -4.20 24.65
CA PHE A 63 13.52 -5.54 24.24
C PHE A 63 14.22 -6.21 25.39
N ARG A 64 14.09 -7.53 25.41
CA ARG A 64 14.81 -8.43 26.28
C ARG A 64 15.46 -9.51 25.41
N GLY A 65 16.65 -9.95 25.77
CA GLY A 65 17.33 -11.03 25.05
C GLY A 65 18.79 -11.21 25.40
N LYS A 66 19.61 -11.54 24.40
CA LYS A 66 21.03 -11.85 24.59
C LYS A 66 21.83 -11.29 23.44
N VAL A 67 22.90 -10.57 23.76
CA VAL A 67 23.86 -10.21 22.74
C VAL A 67 24.55 -11.47 22.26
N THR A 68 24.61 -11.64 20.95
CA THR A 68 25.31 -12.80 20.40
C THR A 68 26.75 -12.45 20.05
N GLN A 69 26.98 -11.32 19.37
CA GLN A 69 28.33 -10.97 18.94
C GLN A 69 28.34 -9.52 18.51
N GLN A 70 29.52 -8.90 18.56
CA GLN A 70 29.74 -7.67 17.82
C GLN A 70 29.76 -7.97 16.32
N VAL A 71 29.26 -7.02 15.52
CA VAL A 71 29.19 -7.19 14.08
C VAL A 71 29.80 -5.98 13.41
N GLN A 72 30.09 -6.14 12.12
CA GLN A 72 30.76 -5.14 11.31
C GLN A 72 29.74 -4.34 10.53
N ASP A 73 29.79 -3.02 10.64
CA ASP A 73 28.80 -2.19 9.99
C ASP A 73 29.48 -0.89 9.55
N GLU A 74 29.16 -0.45 8.33
CA GLU A 74 29.63 0.82 7.79
C GLU A 74 29.49 1.94 8.80
N HIS A 75 28.22 2.28 9.09
CA HIS A 75 27.81 3.48 9.81
C HIS A 75 28.65 3.72 11.06
N ARG A 76 28.56 4.93 11.61
CA ARG A 76 29.35 5.25 12.78
C ARG A 76 28.95 4.37 13.97
N GLY A 77 29.88 4.28 14.92
CA GLY A 77 29.64 3.56 16.14
C GLY A 77 29.96 2.09 16.02
N THR A 78 29.80 1.43 17.16
CA THR A 78 30.00 0.00 17.27
C THR A 78 28.64 -0.70 17.22
N HIS A 79 28.60 -1.89 16.62
CA HIS A 79 27.37 -2.60 16.34
C HIS A 79 27.34 -3.99 16.95
N TRP A 80 26.14 -4.41 17.34
CA TRP A 80 25.95 -5.63 18.11
C TRP A 80 24.68 -6.32 17.64
N ASN A 81 24.73 -7.63 17.52
CA ASN A 81 23.52 -8.40 17.28
C ASN A 81 23.01 -8.98 18.57
N MET A 82 21.70 -8.98 18.75
CA MET A 82 21.09 -9.58 19.93
C MET A 82 19.84 -10.36 19.54
N THR A 83 19.73 -11.57 20.06
CA THR A 83 18.48 -12.29 20.00
C THR A 83 17.50 -11.62 20.95
N VAL A 84 16.22 -11.62 20.59
CA VAL A 84 15.18 -11.04 21.45
C VAL A 84 14.19 -12.14 21.79
N THR A 85 13.74 -12.16 23.05
CA THR A 85 12.75 -13.08 23.57
C THR A 85 11.43 -12.33 23.77
N ASN A 86 10.42 -13.03 24.28
CA ASN A 86 9.27 -12.29 24.79
C ASN A 86 9.67 -11.47 26.00
N LEU A 87 8.88 -10.44 26.31
CA LEU A 87 9.21 -9.56 27.43
C LEU A 87 9.24 -10.29 28.75
N ASN A 88 8.53 -11.40 28.88
CA ASN A 88 8.57 -12.14 30.14
C ASN A 88 9.69 -13.17 30.16
N GLY A 89 10.53 -13.18 29.14
CA GLY A 89 11.72 -13.99 29.14
C GLY A 89 11.56 -15.31 28.44
N THR A 90 10.31 -15.74 28.18
CA THR A 90 10.11 -16.95 27.40
C THR A 90 10.56 -16.75 25.95
N PRO A 91 10.99 -17.83 25.28
CA PRO A 91 11.43 -17.70 23.88
C PRO A 91 10.31 -17.17 23.00
N PHE A 92 10.69 -16.32 22.04
CA PHE A 92 9.72 -15.82 21.05
C PHE A 92 9.62 -16.82 19.92
N ASP A 93 8.41 -17.21 19.57
CA ASP A 93 8.20 -18.17 18.50
C ASP A 93 7.81 -17.42 17.23
N PRO A 94 8.68 -17.32 16.23
CA PRO A 94 8.35 -16.48 15.06
C PRO A 94 7.06 -16.87 14.39
N THR A 95 6.57 -18.09 14.60
CA THR A 95 5.29 -18.49 14.03
C THR A 95 4.07 -18.05 14.84
N GLU A 96 4.25 -17.50 16.04
CA GLU A 96 3.14 -16.87 16.77
C GLU A 96 2.48 -15.81 15.89
N ASP A 97 1.14 -15.79 15.91
CA ASP A 97 0.37 -14.91 15.03
C ASP A 97 0.31 -13.47 15.55
N VAL A 98 1.50 -12.87 15.72
CA VAL A 98 1.60 -11.44 15.96
C VAL A 98 2.63 -10.85 15.01
N PRO A 99 2.62 -9.52 14.80
CA PRO A 99 3.59 -8.92 13.86
C PRO A 99 5.02 -9.07 14.32
N ALA A 100 5.24 -9.18 15.63
CA ALA A 100 6.57 -9.09 16.23
C ALA A 100 6.40 -9.35 17.73
N PRO A 101 7.48 -9.60 18.46
CA PRO A 101 7.33 -9.74 19.92
C PRO A 101 6.54 -8.55 20.45
N LEU A 102 5.60 -8.82 21.36
CA LEU A 102 4.79 -7.73 21.89
C LEU A 102 5.68 -6.67 22.54
N GLY A 103 5.35 -5.40 22.28
CA GLY A 103 6.12 -4.26 22.72
C GLY A 103 7.10 -3.72 21.70
N THR A 104 7.45 -4.53 20.68
CA THR A 104 8.36 -4.07 19.63
C THR A 104 7.95 -2.67 19.17
N PRO A 105 8.90 -1.76 18.89
CA PRO A 105 8.52 -0.43 18.39
C PRO A 105 7.74 -0.51 17.07
N ASP A 106 6.85 0.48 16.85
CA ASP A 106 5.94 0.40 15.70
C ASP A 106 6.17 1.54 14.70
N PHE A 107 7.35 2.13 14.70
CA PHE A 107 7.59 3.26 13.81
C PHE A 107 9.04 3.22 13.36
N SER A 108 9.29 3.88 12.23
CA SER A 108 10.62 4.06 11.68
C SER A 108 11.37 5.15 12.45
N GLY A 109 12.61 4.89 12.80
CA GLY A 109 13.40 5.88 13.50
C GLY A 109 14.61 5.27 14.18
N GLN A 110 15.44 6.17 14.70
CA GLN A 110 16.60 5.78 15.52
C GLN A 110 16.17 5.92 16.97
N ILE A 111 15.84 4.82 17.60
CA ILE A 111 15.34 4.85 18.97
C ILE A 111 16.51 4.80 19.95
N TYR A 112 16.58 5.81 20.81
CA TYR A 112 17.70 5.98 21.73
C TYR A 112 17.31 5.43 23.10
N GLY A 113 18.22 4.68 23.71
CA GLY A 113 17.95 4.19 25.06
C GLY A 113 19.21 3.65 25.71
N VAL A 114 19.03 2.79 26.71
CA VAL A 114 20.16 2.19 27.39
C VAL A 114 20.09 0.67 27.25
N ILE A 115 21.21 0.06 26.86
CA ILE A 115 21.35 -1.38 26.93
C ILE A 115 22.06 -1.72 28.24
N SER A 116 21.47 -2.62 29.02
CA SER A 116 22.08 -3.04 30.26
C SER A 116 22.20 -4.56 30.27
N GLN A 117 23.18 -5.06 31.01
CA GLN A 117 23.41 -6.48 31.13
C GLN A 117 23.72 -6.87 32.56
N ARG A 118 23.19 -8.03 32.96
CA ARG A 118 23.57 -8.71 34.21
C ARG A 118 23.98 -10.14 33.87
N ASN A 119 25.25 -10.46 34.12
CA ASN A 119 25.78 -11.77 33.72
C ASN A 119 25.09 -12.90 34.48
N THR A 120 25.00 -14.06 33.83
CA THR A 120 24.41 -15.21 34.49
C THR A 120 25.41 -15.98 35.33
N ASN A 121 26.69 -15.90 35.00
CA ASN A 121 27.76 -16.58 35.71
C ASN A 121 28.38 -15.65 36.73
N THR A 122 29.00 -16.24 37.76
CA THR A 122 29.52 -15.43 38.85
C THR A 122 30.92 -15.86 39.27
N GLU A 126 33.71 -13.55 43.74
CA GLU A 126 33.18 -12.19 43.84
C GLU A 126 31.87 -12.10 44.64
N GLY A 127 31.82 -12.80 45.77
CA GLY A 127 30.61 -12.86 46.57
C GLY A 127 29.49 -13.58 45.83
N ASN A 128 29.86 -14.28 44.76
CA ASN A 128 28.89 -14.85 43.81
C ASN A 128 27.88 -13.80 43.37
N LEU A 129 28.37 -12.55 43.22
CA LEU A 129 27.60 -11.44 42.66
C LEU A 129 27.96 -11.26 41.20
N PRO A 130 26.98 -11.25 40.29
CA PRO A 130 27.29 -11.13 38.86
C PRO A 130 27.83 -9.76 38.48
N ALA A 131 28.59 -9.74 37.39
CA ALA A 131 29.07 -8.51 36.79
C ALA A 131 27.98 -7.87 35.92
N ASN A 132 28.06 -6.55 35.79
CA ASN A 132 27.06 -5.73 35.11
C ASN A 132 27.73 -4.68 34.24
N ARG A 133 26.97 -4.17 33.28
CA ARG A 133 27.36 -2.98 32.53
C ARG A 133 26.13 -2.42 31.83
N ALA A 134 26.12 -1.10 31.62
CA ALA A 134 25.07 -0.47 30.82
C ALA A 134 25.68 0.64 29.97
N HIS A 135 25.16 0.82 28.75
CA HIS A 135 25.62 1.89 27.88
C HIS A 135 24.48 2.41 27.03
N GLU A 136 24.55 3.69 26.71
CA GLU A 136 23.67 4.27 25.70
C GLU A 136 23.73 3.45 24.42
N ALA A 137 22.58 3.33 23.75
CA ALA A 137 22.47 2.51 22.55
C ALA A 137 21.39 3.10 21.66
N VAL A 138 21.49 2.79 20.36
CA VAL A 138 20.53 3.22 19.36
C VAL A 138 20.04 2.00 18.58
N ILE A 139 18.75 1.92 18.31
CA ILE A 139 18.15 0.86 17.48
C ILE A 139 17.50 1.52 16.28
N ALA A 140 18.05 1.25 15.09
CA ALA A 140 17.52 1.80 13.83
C ALA A 140 16.45 0.84 13.32
N THR A 141 15.19 1.21 13.51
CA THR A 141 14.11 0.28 13.22
C THR A 141 13.85 0.15 11.73
N TYR A 142 14.32 1.11 10.92
CA TYR A 142 14.22 1.06 9.46
C TYR A 142 15.29 0.20 8.80
N SER A 143 16.27 -0.31 9.59
CA SER A 143 17.44 -1.02 9.08
C SER A 143 17.08 -2.44 8.63
N PRO A 144 17.71 -2.94 7.57
CA PRO A 144 17.47 -4.34 7.18
C PRO A 144 17.85 -5.34 8.28
N LYS A 145 18.68 -4.93 9.24
CA LYS A 145 19.04 -5.80 10.36
C LYS A 145 18.02 -5.79 11.50
N PHE A 146 17.02 -4.92 11.45
CA PHE A 146 15.92 -4.92 12.42
C PHE A 146 14.93 -5.99 11.99
N THR A 147 15.07 -7.20 12.56
CA THR A 147 14.20 -8.33 12.21
C THR A 147 13.62 -8.98 13.47
N PRO A 148 12.92 -8.20 14.31
CA PRO A 148 12.43 -8.76 15.58
C PRO A 148 11.47 -9.93 15.39
N LYS A 149 10.65 -9.93 14.32
CA LYS A 149 9.76 -11.06 14.04
C LYS A 149 10.54 -12.35 13.75
N LEU A 150 11.80 -12.23 13.38
CA LEU A 150 12.67 -13.38 13.20
C LEU A 150 13.47 -13.72 14.46
N GLY A 151 13.38 -12.90 15.49
CA GLY A 151 14.06 -13.20 16.73
C GLY A 151 15.40 -12.55 16.95
N ASN A 152 15.76 -11.55 16.16
CA ASN A 152 17.01 -10.86 16.47
C ASN A 152 16.99 -9.46 15.89
N ILE A 153 17.75 -8.58 16.52
CA ILE A 153 17.88 -7.19 16.09
C ILE A 153 19.33 -6.79 16.26
N GLN A 154 19.67 -5.63 15.69
CA GLN A 154 20.95 -4.98 15.87
C GLN A 154 20.75 -3.72 16.68
N PHE A 155 21.79 -3.33 17.43
CA PHE A 155 21.84 -2.01 18.03
C PHE A 155 23.29 -1.54 17.99
N SER A 156 23.47 -0.21 18.06
CA SER A 156 24.79 0.39 18.09
C SER A 156 25.04 1.14 19.39
N THR A 157 26.32 1.33 19.71
CA THR A 157 26.73 2.07 20.90
C THR A 157 27.83 3.04 20.51
N TRP A 158 28.01 4.07 21.33
CA TRP A 158 29.24 4.85 21.28
C TRP A 158 30.38 4.07 21.91
N GLU A 159 30.14 3.50 23.10
CA GLU A 159 31.03 2.53 23.74
C GLU A 159 31.64 1.60 22.68
N THR A 160 32.94 1.34 22.81
CA THR A 160 33.60 0.58 21.76
C THR A 160 33.67 -0.91 22.05
N GLN A 161 33.66 -1.35 23.30
CA GLN A 161 33.85 -2.79 23.52
C GLN A 161 33.15 -3.36 24.75
N ASP A 162 32.59 -2.53 25.61
CA ASP A 162 32.13 -3.02 26.92
C ASP A 162 30.69 -3.54 26.85
N VAL A 163 30.48 -4.49 25.94
CA VAL A 163 29.22 -5.23 25.80
C VAL A 163 29.58 -6.69 25.64
N SER A 164 28.91 -7.57 26.42
CA SER A 164 29.36 -8.95 26.59
C SER A 164 28.47 -9.91 25.79
N SER A 165 29.12 -10.84 25.10
CA SER A 165 28.38 -11.83 24.35
C SER A 165 27.80 -12.89 25.27
N GLY A 166 26.63 -13.41 24.90
CA GLY A 166 26.02 -14.50 25.63
C GLY A 166 25.48 -14.14 26.99
N GLN A 167 25.21 -12.86 27.24
CA GLN A 167 24.71 -12.46 28.55
C GLN A 167 23.33 -11.83 28.42
N PRO A 168 22.48 -11.98 29.46
CA PRO A 168 21.15 -11.37 29.43
C PRO A 168 21.23 -9.86 29.21
N THR A 169 20.39 -9.37 28.31
CA THR A 169 20.47 -7.99 27.83
C THR A 169 19.08 -7.38 27.86
N LYS A 170 19.00 -6.13 28.34
CA LYS A 170 17.74 -5.41 28.38
C LYS A 170 17.93 -4.08 27.66
N PHE A 171 16.95 -3.69 26.84
CA PHE A 171 16.92 -2.33 26.27
C PHE A 171 15.85 -1.52 26.96
N THR A 172 16.25 -0.39 27.56
CA THR A 172 15.33 0.58 28.16
C THR A 172 15.21 1.76 27.22
N PRO A 173 14.04 2.01 26.62
CA PRO A 173 13.86 3.15 25.71
C PRO A 173 13.86 4.47 26.46
N VAL A 174 14.49 5.49 25.85
CA VAL A 174 14.53 6.83 26.40
C VAL A 174 13.97 7.87 25.43
N GLY A 175 14.32 7.77 24.16
CA GLY A 175 13.80 8.74 23.20
C GLY A 175 14.30 8.42 21.79
N LEU A 176 14.58 9.43 20.98
CA LEU A 176 15.17 9.27 19.66
C LEU A 176 16.62 9.75 19.64
N ALA A 177 17.45 9.10 18.81
CA ALA A 177 18.82 9.58 18.66
C ALA A 177 18.88 10.86 17.83
N SER A 178 18.01 11.00 16.84
CA SER A 178 18.10 12.10 15.89
C SER A 178 16.78 12.17 15.15
N VAL A 179 16.41 13.36 14.69
CA VAL A 179 15.37 13.42 13.67
C VAL A 179 15.91 14.01 12.37
N ASP A 180 17.23 13.93 12.16
CA ASP A 180 17.84 14.40 10.93
C ASP A 180 17.31 13.60 9.74
N ALA A 181 17.53 14.16 8.55
CA ALA A 181 17.07 13.49 7.32
C ALA A 181 17.44 12.01 7.29
N ASN A 182 18.70 11.70 7.60
CA ASN A 182 19.16 10.31 7.50
C ASN A 182 18.82 9.46 8.73
N SER A 183 18.02 9.97 9.68
CA SER A 183 17.54 9.15 10.78
C SER A 183 16.15 8.57 10.52
N HIS A 184 15.46 9.02 9.46
CA HIS A 184 14.25 8.38 8.97
C HIS A 184 13.15 8.26 10.04
N PHE A 185 12.96 9.31 10.83
CA PHE A 185 11.84 9.32 11.76
C PHE A 185 10.55 9.53 10.97
N ASP A 186 9.66 8.54 11.03
CA ASP A 186 8.31 8.71 10.51
C ASP A 186 7.39 7.88 11.37
N GLN A 187 6.60 8.55 12.22
CA GLN A 187 5.88 7.76 13.21
C GLN A 187 4.77 6.93 12.60
N TRP A 188 4.43 7.13 11.32
CA TRP A 188 3.39 6.35 10.68
C TRP A 188 3.93 5.34 9.65
N THR A 189 5.24 5.24 9.47
CA THR A 189 5.82 4.16 8.67
C THR A 189 6.18 3.00 9.59
N LEU A 190 5.58 1.84 9.34
CA LEU A 190 5.88 0.69 10.17
C LEU A 190 7.27 0.18 9.87
N PRO A 191 7.94 -0.40 10.84
CA PRO A 191 9.12 -1.19 10.52
C PRO A 191 8.73 -2.36 9.63
N SER A 192 9.72 -2.92 8.94
CA SER A 192 9.63 -4.24 8.33
C SER A 192 10.07 -5.24 9.38
N TYR A 193 9.10 -5.91 10.04
CA TYR A 193 9.41 -6.66 11.26
C TYR A 193 10.25 -7.90 10.97
N SER A 194 10.14 -8.48 9.77
CA SER A 194 11.00 -9.59 9.37
C SER A 194 12.09 -9.16 8.39
N GLY A 195 12.30 -7.89 8.16
CA GLY A 195 13.27 -7.59 7.08
C GLY A 195 12.58 -7.01 5.86
N ALA A 196 13.30 -6.21 5.07
CA ALA A 196 12.69 -5.42 3.97
C ALA A 196 11.94 -6.21 2.91
N LEU A 197 12.36 -7.43 2.62
CA LEU A 197 11.69 -8.06 1.51
C LEU A 197 10.54 -8.94 1.94
N THR A 198 10.19 -8.96 3.22
CA THR A 198 9.12 -9.82 3.71
C THR A 198 7.93 -8.99 4.17
N LEU A 199 6.74 -9.54 4.00
CA LEU A 199 5.51 -8.86 4.35
C LEU A 199 5.31 -8.92 5.86
N ASN A 200 4.97 -7.78 6.46
CA ASN A 200 4.46 -7.78 7.84
C ASN A 200 3.16 -8.57 7.91
N MET A 201 2.89 -9.19 9.06
CA MET A 201 1.70 -10.00 9.19
C MET A 201 0.96 -9.75 10.48
N ASN A 202 -0.32 -10.13 10.48
CA ASN A 202 -1.17 -10.09 11.68
C ASN A 202 -1.29 -8.67 12.23
N LEU A 203 -1.38 -7.69 11.33
CA LEU A 203 -1.37 -6.29 11.76
C LEU A 203 -2.73 -5.88 12.28
N ALA A 204 -2.72 -5.04 13.33
CA ALA A 204 -3.92 -4.30 13.64
C ALA A 204 -4.26 -3.42 12.44
N PRO A 205 -5.54 -3.22 12.16
CA PRO A 205 -5.94 -2.49 10.94
C PRO A 205 -5.65 -1.00 11.02
N SER A 206 -5.64 -0.38 9.83
CA SER A 206 -5.52 1.08 9.76
C SER A 206 -6.79 1.73 10.26
N VAL A 207 -6.69 3.01 10.64
CA VAL A 207 -7.80 3.80 11.15
C VAL A 207 -7.90 5.11 10.37
N ALA A 208 -9.13 5.57 10.17
CA ALA A 208 -9.40 6.81 9.47
C ALA A 208 -10.80 7.26 9.83
N PRO A 209 -11.09 8.56 9.74
CA PRO A 209 -12.48 8.99 9.83
C PRO A 209 -13.21 8.57 8.56
N VAL A 210 -14.53 8.44 8.66
CA VAL A 210 -15.29 8.05 7.46
C VAL A 210 -16.29 9.16 7.13
N PHE A 211 -16.77 9.83 8.14
CA PHE A 211 -17.75 10.88 7.94
C PHE A 211 -17.06 12.17 7.49
N PRO A 212 -17.63 12.86 6.53
CA PRO A 212 -17.07 14.16 6.13
C PRO A 212 -16.97 15.08 7.34
N GLY A 213 -15.94 15.91 7.35
CA GLY A 213 -15.74 16.85 8.41
C GLY A 213 -15.01 16.32 9.62
N GLU A 214 -14.85 15.01 9.76
CA GLU A 214 -14.21 14.46 10.94
C GLU A 214 -12.74 14.19 10.69
N CYS A 215 -11.98 14.15 11.78
CA CYS A 215 -10.56 13.80 11.73
C CYS A 215 -10.23 13.00 12.98
N LEU A 216 -9.10 12.30 12.95
CA LEU A 216 -8.61 11.54 14.10
C LEU A 216 -8.20 12.50 15.22
N LEU A 217 -8.45 12.11 16.46
CA LEU A 217 -7.97 12.83 17.61
C LEU A 217 -6.95 11.95 18.32
N PHE A 218 -5.76 12.50 18.55
CA PHE A 218 -4.62 11.78 19.06
C PHE A 218 -4.29 12.24 20.48
N PHE A 219 -3.70 11.34 21.24
CA PHE A 219 -3.03 11.67 22.49
C PHE A 219 -1.54 11.83 22.19
N ARG A 220 -1.02 13.06 22.29
CA ARG A 220 0.33 13.37 21.83
C ARG A 220 1.31 13.47 23.00
N SER A 221 2.51 12.92 22.81
CA SER A 221 3.61 13.09 23.74
C SER A 221 4.83 13.57 22.97
N PHE A 222 5.56 14.54 23.53
CA PHE A 222 6.83 14.93 22.94
C PHE A 222 7.91 13.99 23.43
N ILE A 223 8.73 13.51 22.51
CA ILE A 223 9.71 12.45 22.78
C ILE A 223 11.09 13.11 22.85
N PRO A 224 11.93 12.77 23.84
CA PRO A 224 13.25 13.41 23.97
C PRO A 224 14.19 13.04 22.82
N LEU A 225 15.18 13.91 22.60
CA LEU A 225 16.20 13.74 21.56
C LEU A 225 17.58 13.69 22.20
N LYS A 226 18.42 12.76 21.73
CA LYS A 226 19.78 12.65 22.24
C LYS A 226 20.64 13.87 21.87
N GLY A 227 20.35 14.51 20.74
CA GLY A 227 21.03 15.74 20.36
C GLY A 227 20.43 16.26 19.07
N GLY A 228 20.89 17.45 18.68
CA GLY A 228 20.40 18.05 17.44
C GLY A 228 19.16 18.88 17.63
N TYR A 229 18.61 19.31 16.50
CA TYR A 229 17.47 20.22 16.49
C TYR A 229 16.18 19.48 16.17
N GLY A 230 15.09 19.96 16.78
CA GLY A 230 13.78 19.37 16.53
C GLY A 230 12.87 19.31 17.74
N ASN A 231 11.58 19.05 17.49
CA ASN A 231 10.57 18.91 18.56
C ASN A 231 9.68 17.71 18.23
N PRO A 232 10.27 16.53 18.05
CA PRO A 232 9.48 15.36 17.62
C PRO A 232 8.43 14.96 18.64
N ALA A 233 7.37 14.32 18.13
CA ALA A 233 6.23 13.91 18.94
C ALA A 233 5.78 12.53 18.47
N ILE A 234 5.16 11.77 19.39
CA ILE A 234 4.53 10.48 19.12
C ILE A 234 3.05 10.58 19.45
N ASP A 235 2.20 10.28 18.49
CA ASP A 235 0.76 10.33 18.68
C ASP A 235 0.21 8.94 18.86
N CYS A 236 -0.54 8.70 19.94
CA CYS A 236 -1.20 7.38 20.02
C CYS A 236 -2.71 7.53 19.94
N LEU A 237 -3.36 6.41 19.59
CA LEU A 237 -4.80 6.41 19.39
C LEU A 237 -5.55 6.39 20.69
N MET A 238 -5.01 5.70 21.72
CA MET A 238 -5.59 5.65 23.04
C MET A 238 -4.43 5.55 24.03
N PRO A 239 -4.53 6.20 25.17
CA PRO A 239 -3.46 6.07 26.17
C PRO A 239 -3.37 4.65 26.68
N GLN A 240 -2.21 4.31 27.23
CA GLN A 240 -2.03 2.97 27.79
C GLN A 240 -3.07 2.64 28.86
N GLU A 241 -3.49 3.62 29.67
CA GLU A 241 -4.47 3.30 30.70
C GLU A 241 -5.81 2.92 30.11
N TRP A 242 -6.14 3.41 28.91
CA TRP A 242 -7.38 2.96 28.27
C TRP A 242 -7.23 1.53 27.81
N VAL A 243 -6.08 1.21 27.22
CA VAL A 243 -5.79 -0.17 26.82
C VAL A 243 -5.97 -1.09 28.03
N GLN A 244 -5.38 -0.70 29.17
CA GLN A 244 -5.45 -1.55 30.37
C GLN A 244 -6.87 -1.67 30.88
N HIS A 245 -7.62 -0.60 30.85
CA HIS A 245 -8.96 -0.64 31.41
C HIS A 245 -9.92 -1.39 30.49
N LEU A 246 -9.86 -1.14 29.19
CA LEU A 246 -10.71 -1.89 28.25
C LEU A 246 -10.44 -3.40 28.35
N TYR A 247 -9.17 -3.78 28.45
CA TYR A 247 -8.85 -5.20 28.61
C TYR A 247 -9.47 -5.78 29.89
N GLN A 248 -9.33 -5.09 31.02
CA GLN A 248 -9.91 -5.61 32.27
C GLN A 248 -11.43 -5.69 32.17
N GLU A 249 -12.05 -4.68 31.57
CA GLU A 249 -13.50 -4.53 31.63
C GLU A 249 -14.21 -5.55 30.75
N SER A 250 -13.66 -5.86 29.57
CA SER A 250 -14.28 -6.81 28.64
C SER A 250 -15.76 -6.52 28.43
N ALA A 251 -16.10 -5.24 28.21
CA ALA A 251 -17.51 -4.89 28.03
C ALA A 251 -17.93 -5.10 26.57
N PRO A 252 -19.07 -5.74 26.31
CA PRO A 252 -19.50 -5.91 24.92
C PRO A 252 -19.78 -4.56 24.26
N SER A 253 -19.36 -4.41 23.01
CA SER A 253 -19.62 -3.17 22.29
C SER A 253 -21.03 -3.23 21.71
N LEU A 254 -21.91 -2.30 22.12
CA LEU A 254 -23.30 -2.35 21.66
C LEU A 254 -23.54 -1.65 20.32
N SER A 255 -22.52 -1.01 19.75
CA SER A 255 -22.59 -0.55 18.37
C SER A 255 -21.15 -0.39 17.88
N ASP A 256 -20.97 0.22 16.72
CA ASP A 256 -19.62 0.45 16.22
C ASP A 256 -19.02 1.77 16.72
N VAL A 257 -19.80 2.59 17.42
CA VAL A 257 -19.37 3.94 17.80
C VAL A 257 -19.91 4.32 19.17
N ALA A 258 -19.01 4.63 20.09
CA ALA A 258 -19.37 5.10 21.41
C ALA A 258 -19.19 6.62 21.42
N LEU A 259 -20.26 7.34 21.74
CA LEU A 259 -20.13 8.78 21.89
C LEU A 259 -19.52 9.08 23.26
N VAL A 260 -18.47 9.90 23.29
CA VAL A 260 -17.83 10.30 24.54
C VAL A 260 -17.82 11.81 24.59
N ARG A 261 -17.77 12.33 25.80
CA ARG A 261 -17.73 13.76 26.04
C ARG A 261 -16.54 14.09 26.91
N TYR A 262 -15.80 15.15 26.52
CA TYR A 262 -14.67 15.63 27.30
C TYR A 262 -15.21 16.67 28.27
N VAL A 263 -15.14 16.38 29.56
CA VAL A 263 -15.86 17.16 30.55
C VAL A 263 -14.87 17.86 31.46
N ASN A 264 -15.22 19.04 31.89
CA ASN A 264 -14.42 19.79 32.84
C ASN A 264 -15.06 19.65 34.21
N PRO A 265 -14.49 18.85 35.12
CA PRO A 265 -15.16 18.65 36.41
C PRO A 265 -15.25 19.92 37.23
N GLU A 266 -14.44 20.93 36.95
CA GLU A 266 -14.57 22.21 37.65
C GLU A 266 -15.90 22.89 37.32
N THR A 267 -16.48 22.61 36.15
CA THR A 267 -17.73 23.22 35.74
C THR A 267 -18.87 22.24 35.54
N GLY A 268 -18.59 20.95 35.45
CA GLY A 268 -19.59 19.97 35.09
C GLY A 268 -19.99 19.96 33.62
N ARG A 269 -19.41 20.82 32.81
CA ARG A 269 -19.84 21.01 31.44
C ARG A 269 -19.00 20.19 30.48
N THR A 270 -19.59 19.90 29.31
CA THR A 270 -18.91 19.23 28.19
C THR A 270 -18.17 20.27 27.34
N LEU A 271 -16.89 20.03 27.11
CA LEU A 271 -16.16 20.95 26.24
C LEU A 271 -16.36 20.57 24.78
N PHE A 272 -16.32 19.29 24.48
CA PHE A 272 -16.57 18.83 23.12
C PHE A 272 -16.91 17.36 23.21
N GLU A 273 -17.34 16.80 22.10
CA GLU A 273 -17.68 15.39 22.06
C GLU A 273 -16.90 14.75 20.93
N ALA A 274 -16.80 13.42 20.98
CA ALA A 274 -15.94 12.69 20.07
C ALA A 274 -16.55 11.30 19.86
N LYS A 275 -16.22 10.70 18.75
CA LYS A 275 -16.62 9.32 18.49
C LYS A 275 -15.48 8.42 18.92
N LEU A 276 -15.75 7.50 19.84
CA LEU A 276 -14.83 6.43 20.16
C LEU A 276 -15.27 5.20 19.38
N HIS A 277 -14.44 4.79 18.45
CA HIS A 277 -14.79 3.76 17.49
C HIS A 277 -14.42 2.40 18.03
N ARG A 278 -15.17 1.39 17.55
CA ARG A 278 -15.04 0.02 18.04
C ARG A 278 -13.61 -0.48 17.96
N ASN A 279 -12.90 -0.20 16.87
CA ASN A 279 -11.54 -0.71 16.77
C ASN A 279 -10.56 -0.01 17.70
N GLY A 280 -10.97 1.06 18.38
CA GLY A 280 -10.09 1.67 19.37
C GLY A 280 -9.45 2.97 18.97
N PHE A 281 -10.22 3.97 18.56
CA PHE A 281 -9.63 5.25 18.19
C PHE A 281 -10.72 6.31 18.21
N LEU A 282 -10.30 7.58 18.20
CA LEU A 282 -11.26 8.69 18.31
C LEU A 282 -11.31 9.52 17.02
N THR A 283 -12.49 9.99 16.68
CA THR A 283 -12.60 11.07 15.70
C THR A 283 -13.38 12.25 16.30
N VAL A 284 -13.12 13.45 15.78
CA VAL A 284 -13.77 14.68 16.23
C VAL A 284 -14.12 15.45 14.97
N ALA A 285 -15.04 16.39 15.11
CA ALA A 285 -15.41 17.28 14.01
C ALA A 285 -14.58 18.54 14.21
N ARG A 286 -13.39 18.54 13.62
CA ARG A 286 -12.49 19.68 13.77
C ARG A 286 -11.84 19.95 12.42
N ASN A 287 -11.70 21.22 12.10
CA ASN A 287 -11.23 21.69 10.80
C ASN A 287 -9.86 22.33 10.90
N SER A 288 -9.07 21.97 11.91
CA SER A 288 -7.77 22.60 12.13
C SER A 288 -6.79 21.59 12.69
N ALA A 289 -5.51 21.91 12.56
CA ALA A 289 -4.46 21.07 13.11
C ALA A 289 -3.92 21.73 14.37
N GLY A 290 -3.30 20.91 15.20
CA GLY A 290 -2.62 21.39 16.36
C GLY A 290 -3.26 20.91 17.63
N PRO A 291 -2.69 21.35 18.76
CA PRO A 291 -3.24 21.01 20.07
C PRO A 291 -4.68 21.42 20.26
N VAL A 292 -5.38 20.60 21.06
CA VAL A 292 -6.70 20.90 21.57
C VAL A 292 -6.46 21.53 22.94
N VAL A 293 -6.80 22.81 23.08
CA VAL A 293 -6.59 23.52 24.33
C VAL A 293 -7.77 23.20 25.26
N ALA A 294 -7.50 22.42 26.30
CA ALA A 294 -8.54 21.95 27.19
C ALA A 294 -7.95 21.81 28.58
N PRO A 295 -8.71 22.04 29.64
CA PRO A 295 -8.18 21.85 30.99
C PRO A 295 -7.65 20.43 31.17
N THR A 296 -6.42 20.33 31.65
CA THR A 296 -5.78 19.03 31.81
C THR A 296 -6.39 18.21 32.94
N ASN A 297 -7.21 18.82 33.82
CA ASN A 297 -8.03 18.02 34.74
C ASN A 297 -9.26 17.41 34.09
N GLY A 298 -9.56 17.76 32.83
CA GLY A 298 -10.70 17.18 32.15
C GLY A 298 -10.46 15.75 31.73
N TYR A 299 -11.53 15.09 31.30
CA TYR A 299 -11.41 13.68 30.93
C TYR A 299 -12.58 13.30 30.05
N PHE A 300 -12.38 12.24 29.25
CA PHE A 300 -13.45 11.69 28.42
C PHE A 300 -14.37 10.83 29.26
N ARG A 301 -15.68 11.05 29.11
CA ARG A 301 -16.74 10.29 29.76
C ARG A 301 -17.61 9.64 28.70
N PHE A 302 -17.83 8.32 28.85
CA PHE A 302 -18.76 7.61 27.98
C PHE A 302 -20.16 8.16 28.13
N ASP A 303 -20.79 8.50 27.00
CA ASP A 303 -22.16 9.00 26.99
C ASP A 303 -23.15 7.92 26.57
N SER A 304 -23.00 7.37 25.36
CA SER A 304 -23.96 6.38 24.87
C SER A 304 -23.43 5.76 23.60
N TRP A 305 -24.02 4.63 23.23
CA TRP A 305 -23.71 4.03 21.95
C TRP A 305 -24.57 4.70 20.87
N VAL A 306 -23.95 5.01 19.74
CA VAL A 306 -24.60 5.74 18.66
C VAL A 306 -24.33 4.98 17.36
N ASN A 307 -25.03 5.38 16.30
CA ASN A 307 -24.82 4.75 15.00
C ASN A 307 -23.75 5.52 14.23
N GLN A 308 -23.28 4.92 13.13
CA GLN A 308 -22.17 5.51 12.39
C GLN A 308 -22.53 6.86 11.79
N PHE A 309 -23.81 7.09 11.52
CA PHE A 309 -24.22 8.34 10.89
C PHE A 309 -24.44 9.47 11.89
N TYR A 310 -24.00 9.31 13.14
CA TYR A 310 -24.18 10.35 14.14
C TYR A 310 -23.32 11.57 13.79
N THR A 311 -23.91 12.77 13.89
CA THR A 311 -23.22 14.01 13.51
C THR A 311 -22.67 14.68 14.75
N LEU A 312 -21.35 14.84 14.79
CA LEU A 312 -20.68 15.46 15.92
C LEU A 312 -20.82 16.97 15.86
N ALA A 313 -21.04 17.57 17.01
CA ALA A 313 -20.98 19.02 17.10
C ALA A 313 -19.55 19.48 16.82
N PRO A 314 -19.35 20.46 15.94
CA PRO A 314 -17.97 20.90 15.65
C PRO A 314 -17.27 21.36 16.90
N MET A 315 -15.95 21.29 16.88
CA MET A 315 -15.15 21.61 18.05
C MET A 315 -14.92 23.12 18.12
N GLN B 1 4.44 28.92 -18.18
CA GLN B 1 3.96 28.86 -16.80
C GLN B 1 4.58 27.72 -16.00
N VAL B 2 5.72 27.20 -16.45
CA VAL B 2 6.44 26.18 -15.71
C VAL B 2 7.42 26.88 -14.77
N GLN B 3 7.29 26.59 -13.47
CA GLN B 3 8.24 27.05 -12.47
C GLN B 3 8.69 25.88 -11.63
N LEU B 4 9.98 25.85 -11.33
CA LEU B 4 10.60 24.86 -10.47
C LEU B 4 11.27 25.59 -9.30
N GLN B 5 10.97 25.18 -8.07
CA GLN B 5 11.43 25.88 -6.88
C GLN B 5 12.09 24.92 -5.92
N GLU B 6 13.37 25.14 -5.62
CA GLU B 6 14.15 24.25 -4.75
C GLU B 6 14.22 24.80 -3.33
N SER B 7 14.32 23.90 -2.37
CA SER B 7 14.49 24.31 -0.98
C SER B 7 15.08 23.14 -0.21
N GLY B 8 15.29 23.35 1.09
CA GLY B 8 15.83 22.33 1.97
C GLY B 8 17.33 22.41 2.16
N GLY B 9 18.01 23.30 1.46
CA GLY B 9 19.45 23.41 1.58
C GLY B 9 19.83 24.07 2.90
N GLY B 10 21.13 24.05 3.18
CA GLY B 10 21.59 24.72 4.38
C GLY B 10 23.07 24.48 4.59
N LEU B 11 23.49 24.69 5.84
CA LEU B 11 24.85 24.45 6.29
C LEU B 11 24.86 23.18 7.12
N VAL B 12 25.86 22.33 6.90
CA VAL B 12 25.87 21.00 7.49
C VAL B 12 27.31 20.53 7.59
N GLN B 13 27.58 19.67 8.58
CA GLN B 13 28.91 19.12 8.78
C GLN B 13 29.09 17.84 7.96
N ALA B 14 30.35 17.53 7.68
CA ALA B 14 30.65 16.30 6.95
C ALA B 14 30.09 15.11 7.71
N GLY B 15 29.36 14.26 7.01
CA GLY B 15 28.71 13.13 7.62
C GLY B 15 27.28 13.38 8.00
N GLY B 16 26.82 14.62 7.90
CA GLY B 16 25.43 14.95 8.15
C GLY B 16 24.57 14.72 6.92
N SER B 17 23.30 15.09 7.03
CA SER B 17 22.32 14.80 5.99
C SER B 17 21.40 15.99 5.80
N LEU B 18 20.89 16.13 4.58
CA LEU B 18 19.85 17.09 4.24
C LEU B 18 18.80 16.38 3.38
N ARG B 19 17.62 16.97 3.27
CA ARG B 19 16.66 16.57 2.25
C ARG B 19 16.30 17.81 1.42
N LEU B 20 16.72 17.81 0.15
CA LEU B 20 16.34 18.87 -0.77
C LEU B 20 14.95 18.60 -1.35
N SER B 21 14.24 19.67 -1.67
CA SER B 21 12.92 19.60 -2.25
C SER B 21 12.91 20.34 -3.58
N CYS B 22 12.21 19.81 -4.58
CA CYS B 22 11.96 20.55 -5.81
C CYS B 22 10.47 20.47 -6.10
N ALA B 23 9.79 21.59 -5.95
CA ALA B 23 8.36 21.69 -6.21
C ALA B 23 8.13 22.31 -7.57
N ALA B 24 7.11 21.85 -8.28
CA ALA B 24 6.82 22.34 -9.61
C ALA B 24 5.38 22.86 -9.69
N SER B 25 5.20 23.82 -10.59
CA SER B 25 3.91 24.36 -10.98
C SER B 25 3.89 24.53 -12.49
N GLY B 26 2.76 24.23 -13.11
CA GLY B 26 2.68 24.23 -14.57
C GLY B 26 3.13 22.94 -15.22
N LEU B 27 3.35 21.89 -14.44
CA LEU B 27 4.00 20.64 -14.85
C LEU B 27 3.88 19.65 -13.69
N THR B 28 3.57 18.38 -13.99
CA THR B 28 3.56 17.36 -12.95
C THR B 28 4.76 16.44 -13.15
N PHE B 29 5.48 16.17 -12.06
CA PHE B 29 6.64 15.28 -12.12
C PHE B 29 6.24 13.87 -12.55
N SER B 30 5.00 13.45 -12.25
CA SER B 30 4.52 12.12 -12.61
C SER B 30 4.38 11.93 -14.12
N THR B 31 4.56 12.98 -14.92
CA THR B 31 4.41 12.86 -16.36
C THR B 31 5.59 13.44 -17.13
N ASN B 32 6.72 13.71 -16.45
CA ASN B 32 7.91 14.27 -17.07
C ASN B 32 9.11 13.69 -16.35
N GLY B 33 10.28 13.79 -16.97
CA GLY B 33 11.52 13.45 -16.33
C GLY B 33 12.15 14.66 -15.65
N MET B 34 12.92 14.40 -14.60
CA MET B 34 13.61 15.51 -13.94
C MET B 34 14.97 15.05 -13.50
N GLY B 35 15.84 16.01 -13.17
CA GLY B 35 17.18 15.71 -12.74
C GLY B 35 17.71 16.80 -11.81
N TRP B 36 18.66 16.39 -10.97
CA TRP B 36 19.40 17.29 -10.10
C TRP B 36 20.80 17.51 -10.66
N PHE B 37 21.19 18.78 -10.80
CA PHE B 37 22.54 19.23 -11.12
C PHE B 37 23.10 20.00 -9.91
N ARG B 38 24.42 20.16 -9.86
CA ARG B 38 25.02 20.99 -8.82
C ARG B 38 26.10 21.87 -9.43
N GLN B 39 26.26 23.06 -8.85
CA GLN B 39 27.13 24.11 -9.40
C GLN B 39 27.84 24.77 -8.21
N ALA B 40 29.12 24.43 -8.03
CA ALA B 40 30.01 25.11 -7.10
C ALA B 40 30.81 26.18 -7.83
N PRO B 41 31.12 27.31 -7.18
CA PRO B 41 31.93 28.33 -7.85
C PRO B 41 33.30 27.79 -8.24
N GLY B 42 33.75 28.16 -9.45
CA GLY B 42 35.04 27.72 -9.96
C GLY B 42 35.09 26.29 -10.43
N LYS B 43 33.95 25.63 -10.61
CA LYS B 43 33.89 24.24 -11.03
C LYS B 43 32.81 24.10 -12.09
N GLU B 44 33.00 23.19 -13.03
CA GLU B 44 31.97 22.96 -14.03
C GLU B 44 30.79 22.23 -13.42
N ARG B 45 29.60 22.50 -13.94
CA ARG B 45 28.40 21.88 -13.40
C ARG B 45 28.52 20.36 -13.45
N GLU B 46 27.74 19.70 -12.60
CA GLU B 46 27.82 18.25 -12.56
C GLU B 46 26.41 17.68 -12.41
N PHE B 47 26.13 16.60 -13.13
CA PHE B 47 24.86 15.90 -12.99
C PHE B 47 24.90 15.01 -11.75
N VAL B 48 23.88 15.11 -10.91
CA VAL B 48 23.85 14.35 -9.66
C VAL B 48 22.94 13.13 -9.75
N PHE B 49 21.68 13.34 -10.11
CA PHE B 49 20.66 12.31 -9.99
C PHE B 49 19.49 12.70 -10.87
N GLY B 50 19.06 11.77 -11.74
CA GLY B 50 17.92 12.03 -12.61
C GLY B 50 17.00 10.83 -12.65
N VAL B 51 15.73 11.09 -12.99
CA VAL B 51 14.70 10.05 -13.00
C VAL B 51 13.68 10.36 -14.11
N ASN B 52 13.07 9.30 -14.66
CA ASN B 52 12.03 9.49 -15.67
C ASN B 52 10.66 9.63 -14.97
N TRP B 53 9.59 9.69 -15.77
CA TRP B 53 8.24 10.07 -15.30
C TRP B 53 7.70 9.14 -14.22
N ASN B 54 7.88 7.83 -14.36
CA ASN B 54 7.30 6.88 -13.43
C ASN B 54 8.31 6.36 -12.41
N GLY B 55 9.52 6.93 -12.39
CA GLY B 55 10.55 6.43 -11.50
C GLY B 55 11.11 5.08 -11.86
N GLY B 56 10.80 4.53 -13.03
CA GLY B 56 11.32 3.22 -13.37
C GLY B 56 12.74 3.21 -13.91
N ASN B 57 13.31 4.38 -14.17
CA ASN B 57 14.68 4.46 -14.65
C ASN B 57 15.29 5.73 -14.11
N SER B 58 16.58 5.66 -13.79
CA SER B 58 17.28 6.77 -13.15
C SER B 58 18.73 6.72 -13.58
N TYR B 59 19.43 7.82 -13.32
CA TYR B 59 20.89 7.84 -13.37
C TYR B 59 21.38 8.47 -12.08
N VAL B 60 22.40 7.86 -11.47
CA VAL B 60 23.04 8.35 -10.25
C VAL B 60 24.54 8.51 -10.51
N ALA B 61 25.06 9.71 -10.24
CA ALA B 61 26.50 9.95 -10.37
C ALA B 61 27.29 9.02 -9.47
N ASP B 62 28.38 8.46 -10.03
CA ASP B 62 29.16 7.47 -9.29
C ASP B 62 29.64 8.02 -7.95
N SER B 63 29.94 9.31 -7.90
CA SER B 63 30.51 9.86 -6.66
C SER B 63 29.50 9.83 -5.52
N VAL B 64 28.19 9.84 -5.82
CA VAL B 64 27.16 9.96 -4.79
C VAL B 64 26.36 8.68 -4.61
N LYS B 65 26.71 7.59 -5.30
CA LYS B 65 25.80 6.46 -5.44
C LYS B 65 25.26 5.96 -4.10
N GLY B 66 26.13 5.55 -3.19
CA GLY B 66 25.56 5.01 -1.96
C GLY B 66 25.10 6.02 -0.94
N ARG B 67 25.07 7.31 -1.29
CA ARG B 67 24.87 8.39 -0.33
C ARG B 67 23.64 9.25 -0.59
N PHE B 68 23.26 9.42 -1.86
CA PHE B 68 22.09 10.19 -2.28
C PHE B 68 21.01 9.24 -2.78
N THR B 69 19.76 9.55 -2.45
CA THR B 69 18.58 8.85 -2.97
C THR B 69 17.53 9.89 -3.34
N ILE B 70 16.50 9.46 -4.08
CA ILE B 70 15.41 10.35 -4.43
C ILE B 70 14.09 9.74 -3.98
N SER B 71 13.10 10.60 -3.72
CA SER B 71 11.73 10.17 -3.49
C SER B 71 10.80 11.19 -4.14
N ARG B 72 9.51 10.88 -4.16
CA ARG B 72 8.53 11.79 -4.71
C ARG B 72 7.27 11.78 -3.86
N ASP B 73 6.56 12.90 -3.87
CA ASP B 73 5.22 13.03 -3.29
C ASP B 73 4.33 13.57 -4.40
N ASN B 74 3.68 12.65 -5.12
CA ASN B 74 2.89 13.05 -6.29
C ASN B 74 1.77 14.01 -5.89
N ALA B 75 1.14 13.78 -4.74
CA ALA B 75 0.08 14.68 -4.29
C ALA B 75 0.59 16.11 -4.17
N LYS B 76 1.81 16.29 -3.70
CA LYS B 76 2.41 17.61 -3.52
C LYS B 76 3.15 18.11 -4.75
N ASN B 77 3.14 17.33 -5.84
CA ASN B 77 3.90 17.63 -7.05
C ASN B 77 5.33 18.07 -6.74
N THR B 78 6.00 17.28 -5.91
CA THR B 78 7.32 17.59 -5.37
C THR B 78 8.17 16.33 -5.39
N VAL B 79 9.44 16.47 -5.73
CA VAL B 79 10.40 15.38 -5.62
C VAL B 79 11.50 15.79 -4.66
N TYR B 80 12.14 14.81 -4.04
CA TYR B 80 13.14 15.07 -3.00
C TYR B 80 14.46 14.44 -3.38
N LEU B 81 15.55 15.14 -3.07
CA LEU B 81 16.89 14.58 -3.10
C LEU B 81 17.34 14.37 -1.66
N GLN B 82 17.40 13.12 -1.23
CA GLN B 82 17.86 12.81 0.12
C GLN B 82 19.37 12.56 0.10
N MET B 83 20.09 13.40 0.83
CA MET B 83 21.55 13.38 0.91
C MET B 83 21.87 12.79 2.28
N ASN B 84 21.98 11.45 2.33
CA ASN B 84 22.02 10.74 3.62
C ASN B 84 23.38 10.81 4.30
N SER B 85 24.47 11.00 3.55
CA SER B 85 25.78 11.16 4.18
C SER B 85 26.59 12.11 3.33
N LEU B 86 26.82 13.32 3.82
CA LEU B 86 27.42 14.37 3.01
C LEU B 86 28.93 14.41 3.20
N LYS B 87 29.63 14.65 2.09
CA LYS B 87 31.08 14.72 2.06
C LYS B 87 31.49 16.15 1.70
N LEU B 88 32.77 16.48 1.95
CA LEU B 88 33.24 17.84 1.69
C LEU B 88 33.17 18.17 0.20
N GLU B 89 33.41 17.17 -0.66
CA GLU B 89 33.26 17.35 -2.10
C GLU B 89 31.88 17.84 -2.53
N ASP B 90 30.83 17.65 -1.71
CA ASP B 90 29.46 17.92 -2.13
C ASP B 90 29.03 19.38 -2.05
N THR B 91 29.84 20.27 -1.48
CA THR B 91 29.41 21.67 -1.38
C THR B 91 29.09 22.23 -2.75
N ALA B 92 27.96 22.93 -2.86
CA ALA B 92 27.56 23.49 -4.14
C ALA B 92 26.11 23.99 -4.11
N VAL B 93 25.69 24.65 -5.17
CA VAL B 93 24.28 25.01 -5.37
C VAL B 93 23.62 23.87 -6.13
N TYR B 94 22.65 23.23 -5.50
CA TYR B 94 21.93 22.11 -6.11
C TYR B 94 20.64 22.63 -6.72
N TYR B 95 20.44 22.38 -8.01
CA TYR B 95 19.23 22.84 -8.66
C TYR B 95 18.57 21.74 -9.47
N CYS B 96 17.29 21.98 -9.75
CA CYS B 96 16.31 21.07 -10.30
C CYS B 96 16.05 21.41 -11.77
N ALA B 97 15.79 20.38 -12.58
CA ALA B 97 15.56 20.57 -14.00
C ALA B 97 14.51 19.55 -14.45
N ALA B 98 13.68 19.94 -15.42
CA ALA B 98 12.63 19.07 -15.92
C ALA B 98 12.75 18.96 -17.43
N LYS B 99 12.50 17.78 -17.96
CA LYS B 99 12.46 17.52 -19.40
C LYS B 99 11.08 16.98 -19.73
N MET B 100 10.36 17.68 -20.60
CA MET B 100 8.97 17.34 -20.85
C MET B 100 8.86 15.96 -21.49
N GLY B 101 7.87 15.19 -21.06
CA GLY B 101 7.54 13.95 -21.73
C GLY B 101 7.70 12.72 -20.85
N ARG B 102 6.94 11.68 -21.21
CA ARG B 102 7.02 10.37 -20.56
C ARG B 102 7.90 9.48 -21.43
N ARG B 103 9.16 9.33 -21.05
CA ARG B 103 10.10 8.51 -21.81
C ARG B 103 10.90 7.67 -20.83
N LEU B 104 11.72 6.77 -21.39
CA LEU B 104 12.58 5.91 -20.59
C LEU B 104 13.92 6.57 -20.27
N ALA B 105 14.52 7.23 -21.26
CA ALA B 105 15.87 7.78 -21.12
C ALA B 105 15.93 8.91 -20.09
N VAL B 106 17.07 8.96 -19.39
CA VAL B 106 17.36 9.97 -18.38
C VAL B 106 18.55 10.78 -18.88
N SER B 107 18.28 12.01 -19.33
CA SER B 107 19.31 12.87 -19.87
C SER B 107 20.26 13.31 -18.76
N ARG B 108 21.53 13.41 -19.10
CA ARG B 108 22.55 13.79 -18.13
C ARG B 108 23.19 15.14 -18.43
N THR B 109 22.73 15.84 -19.47
CA THR B 109 23.28 17.15 -19.82
C THR B 109 22.18 18.19 -19.73
N LEU B 110 22.51 19.37 -19.18
CA LEU B 110 21.49 20.35 -18.86
C LEU B 110 20.77 20.87 -20.11
N GLU B 111 21.47 20.97 -21.25
CA GLU B 111 20.86 21.59 -22.43
C GLU B 111 19.73 20.76 -23.02
N GLU B 112 19.65 19.47 -22.67
CA GLU B 112 18.54 18.60 -23.08
C GLU B 112 17.28 18.79 -22.25
N TYR B 113 17.37 19.46 -21.10
CA TYR B 113 16.19 19.73 -20.28
C TYR B 113 15.47 20.97 -20.79
N ASP B 114 14.21 21.11 -20.36
CA ASP B 114 13.37 22.19 -20.84
C ASP B 114 13.15 23.29 -19.80
N PHE B 115 13.46 23.02 -18.53
CA PHE B 115 13.19 23.98 -17.47
C PHE B 115 14.16 23.75 -16.32
N ARG B 116 14.51 24.83 -15.62
CA ARG B 116 15.37 24.69 -14.45
C ARG B 116 14.96 25.71 -13.41
N GLY B 117 15.23 25.37 -12.15
CA GLY B 117 15.11 26.30 -11.05
C GLY B 117 16.45 26.95 -10.73
N GLN B 118 16.41 27.93 -9.82
CA GLN B 118 17.63 28.66 -9.47
C GLN B 118 18.51 27.84 -8.54
N GLY B 119 17.90 27.09 -7.63
CA GLY B 119 18.63 26.19 -6.76
C GLY B 119 18.51 26.55 -5.29
N THR B 120 19.26 25.80 -4.49
CA THR B 120 19.32 25.94 -3.04
C THR B 120 20.75 25.58 -2.66
N GLN B 121 21.32 26.31 -1.71
CA GLN B 121 22.74 26.18 -1.43
C GLN B 121 22.99 25.09 -0.39
N VAL B 122 24.08 24.36 -0.59
CA VAL B 122 24.52 23.28 0.30
C VAL B 122 25.99 23.49 0.62
N THR B 123 26.31 23.63 1.90
CA THR B 123 27.68 23.80 2.36
C THR B 123 28.02 22.73 3.38
N VAL B 124 29.07 21.96 3.10
CA VAL B 124 29.52 20.91 4.00
C VAL B 124 30.83 21.37 4.61
N SER B 125 30.79 21.73 5.91
CA SER B 125 31.94 22.32 6.61
C SER B 125 32.36 21.50 7.82
N SER B 126 33.00 22.16 8.79
CA SER B 126 33.43 21.53 10.04
C SER B 126 33.97 22.53 11.06
N SER C 1 23.29 8.86 -30.21
CA SER C 1 23.24 8.49 -31.63
C SER C 1 22.89 7.00 -31.79
N LYS C 2 22.21 6.44 -30.80
CA LYS C 2 21.73 5.07 -30.89
C LYS C 2 20.90 4.89 -32.16
N PRO C 3 21.21 3.89 -32.99
CA PRO C 3 20.46 3.72 -34.24
C PRO C 3 19.01 3.31 -33.99
N PHE C 4 18.13 3.80 -34.86
CA PHE C 4 16.70 3.54 -34.74
C PHE C 4 16.37 2.22 -35.42
N THR C 5 15.52 1.42 -34.76
CA THR C 5 15.13 0.12 -35.28
C THR C 5 13.65 -0.09 -34.97
N LEU C 6 13.03 -0.93 -35.77
CA LEU C 6 11.72 -1.51 -35.47
C LEU C 6 11.90 -2.98 -35.12
N PRO C 7 10.98 -3.58 -34.38
CA PRO C 7 11.09 -5.02 -34.11
C PRO C 7 10.83 -5.84 -35.37
N ILE C 8 11.28 -7.09 -35.34
CA ILE C 8 11.11 -7.97 -36.49
C ILE C 8 9.95 -8.90 -36.13
N LEU C 9 8.76 -8.56 -36.58
CA LEU C 9 7.54 -9.24 -36.15
C LEU C 9 6.62 -9.39 -37.34
N THR C 10 6.09 -10.58 -37.56
CA THR C 10 5.10 -10.70 -38.61
C THR C 10 3.82 -9.95 -38.24
N LEU C 11 2.98 -9.72 -39.24
CA LEU C 11 1.73 -9.03 -38.95
C LEU C 11 0.91 -9.81 -37.94
N GLY C 12 1.01 -11.14 -37.97
CA GLY C 12 0.32 -12.00 -37.03
C GLY C 12 0.91 -11.99 -35.66
N GLU C 13 2.06 -11.35 -35.48
CA GLU C 13 2.67 -11.19 -34.16
C GLU C 13 2.52 -9.76 -33.62
N LEU C 14 1.63 -8.96 -34.21
CA LEU C 14 1.38 -7.60 -33.75
C LEU C 14 0.03 -7.51 -33.04
N THR C 15 -0.04 -6.62 -32.03
CA THR C 15 -1.21 -6.36 -31.21
C THR C 15 -1.68 -4.94 -31.49
N ASN C 16 -3.00 -4.74 -31.59
CA ASN C 16 -3.57 -3.40 -31.68
C ASN C 16 -3.28 -2.64 -30.39
N SER C 17 -2.89 -1.37 -30.52
CA SER C 17 -2.63 -0.55 -29.35
C SER C 17 -3.86 0.21 -28.82
N ARG C 18 -5.03 0.08 -29.46
CA ARG C 18 -6.26 0.77 -29.03
C ARG C 18 -7.35 -0.17 -28.51
N PHE C 19 -7.14 -1.49 -28.62
CA PHE C 19 -8.06 -2.46 -28.06
C PHE C 19 -7.30 -3.78 -28.06
N PRO C 20 -7.47 -4.62 -27.08
CA PRO C 20 -6.66 -5.84 -27.00
C PRO C 20 -7.02 -6.89 -28.07
N LEU C 21 -6.52 -6.70 -29.28
CA LEU C 21 -6.83 -7.57 -30.41
C LEU C 21 -5.56 -7.78 -31.20
N PRO C 22 -5.43 -8.93 -31.88
CA PRO C 22 -4.40 -9.05 -32.93
C PRO C 22 -4.70 -8.09 -34.08
N ILE C 23 -3.63 -7.66 -34.72
CA ILE C 23 -3.74 -6.98 -36.00
C ILE C 23 -4.17 -7.96 -37.09
N ASP C 24 -5.20 -7.60 -37.85
CA ASP C 24 -5.71 -8.49 -38.89
C ASP C 24 -5.24 -8.09 -40.28
N VAL C 25 -5.20 -6.78 -40.58
CA VAL C 25 -4.78 -6.31 -41.89
C VAL C 25 -4.18 -4.92 -41.76
N LEU C 26 -3.28 -4.59 -42.68
CA LEU C 26 -2.99 -3.18 -42.97
C LEU C 26 -4.13 -2.58 -43.78
N TYR C 27 -4.39 -1.28 -43.59
CA TYR C 27 -5.61 -0.68 -44.09
C TYR C 27 -5.43 0.80 -44.42
N THR C 28 -5.99 1.24 -45.57
CA THR C 28 -6.06 2.67 -45.89
C THR C 28 -7.52 3.12 -46.09
N ASN C 29 -7.76 4.41 -45.90
CA ASN C 29 -9.08 4.99 -46.15
C ASN C 29 -8.88 6.47 -46.48
N PRO C 30 -8.40 6.77 -47.68
CA PRO C 30 -7.95 8.15 -47.96
C PRO C 30 -9.07 9.19 -47.96
N ASN C 31 -10.33 8.78 -48.01
CA ASN C 31 -11.44 9.73 -48.03
C ASN C 31 -12.00 10.01 -46.65
N GLU C 32 -11.35 9.55 -45.60
CA GLU C 32 -11.80 9.85 -44.25
C GLU C 32 -11.87 11.36 -44.02
N SER C 33 -13.02 11.84 -43.58
CA SER C 33 -13.13 13.24 -43.24
C SER C 33 -12.94 13.50 -41.74
N ALA C 34 -12.91 12.48 -40.90
CA ALA C 34 -12.74 12.72 -39.48
C ALA C 34 -11.31 13.12 -39.17
N ILE C 35 -11.13 13.86 -38.07
CA ILE C 35 -9.81 14.19 -37.57
C ILE C 35 -9.28 12.99 -36.78
N VAL C 36 -8.10 12.50 -37.14
CA VAL C 36 -7.52 11.34 -36.49
C VAL C 36 -6.64 11.82 -35.34
N GLN C 37 -7.11 11.60 -34.12
CA GLN C 37 -6.38 12.05 -32.96
C GLN C 37 -6.59 11.06 -31.83
N CYS C 38 -6.38 9.77 -32.11
CA CYS C 38 -6.52 8.80 -31.05
C CYS C 38 -5.45 9.01 -29.97
N GLN C 39 -5.73 8.47 -28.79
CA GLN C 39 -4.91 8.74 -27.62
C GLN C 39 -4.19 7.53 -27.09
N ASN C 40 -4.67 6.33 -27.43
CA ASN C 40 -3.91 5.13 -27.16
C ASN C 40 -3.08 4.75 -28.37
N GLY C 41 -1.98 4.04 -28.11
CA GLY C 41 -1.06 3.74 -29.18
C GLY C 41 -0.36 4.97 -29.72
N ARG C 42 -0.08 5.95 -28.86
CA ARG C 42 0.62 7.18 -29.23
C ARG C 42 2.01 7.19 -28.63
N CYS C 43 3.02 7.23 -29.48
CA CYS C 43 4.40 7.21 -29.04
C CYS C 43 5.25 7.81 -30.14
N THR C 44 6.10 8.78 -29.78
CA THR C 44 7.03 9.36 -30.74
C THR C 44 8.11 8.35 -31.12
N LEU C 45 8.75 8.59 -32.25
CA LEU C 45 9.77 7.64 -32.68
C LEU C 45 10.95 7.58 -31.71
N ASP C 46 11.18 8.61 -30.91
CA ASP C 46 12.27 8.57 -29.92
C ASP C 46 11.81 8.05 -28.58
N GLY C 47 10.58 7.53 -28.52
CA GLY C 47 10.14 6.76 -27.37
C GLY C 47 9.34 7.52 -26.35
N GLU C 48 8.71 8.65 -26.71
CA GLU C 48 7.91 9.39 -25.73
C GLU C 48 6.46 8.94 -25.78
N LEU C 49 5.95 8.35 -24.71
CA LEU C 49 4.54 7.99 -24.67
C LEU C 49 3.69 9.25 -24.55
N GLN C 50 2.60 9.30 -25.34
CA GLN C 50 1.70 10.45 -25.31
C GLN C 50 0.27 10.00 -25.11
N GLY C 51 -0.62 11.00 -24.97
CA GLY C 51 -2.03 10.76 -24.73
C GLY C 51 -2.29 9.94 -23.49
N THR C 52 -3.12 8.91 -23.61
CA THR C 52 -3.33 7.98 -22.51
C THR C 52 -2.53 6.68 -22.68
N THR C 53 -1.47 6.71 -23.47
CA THR C 53 -0.79 5.47 -23.84
C THR C 53 0.08 4.96 -22.70
N GLN C 54 -0.13 3.71 -22.35
CA GLN C 54 0.70 3.01 -21.39
C GLN C 54 1.17 1.72 -22.06
N LEU C 55 2.03 0.96 -21.36
CA LEU C 55 2.74 -0.14 -22.01
C LEU C 55 2.05 -1.49 -21.92
N LEU C 56 1.14 -1.70 -20.96
CA LEU C 56 0.53 -3.04 -20.74
C LEU C 56 -0.49 -3.37 -21.83
N PRO C 57 -0.34 -4.47 -22.57
CA PRO C 57 -1.45 -4.91 -23.45
C PRO C 57 -2.74 -5.12 -22.69
N THR C 58 -2.66 -5.54 -21.42
CA THR C 58 -3.82 -5.78 -20.60
C THR C 58 -4.45 -4.48 -20.06
N GLY C 59 -3.76 -3.37 -20.20
CA GLY C 59 -4.29 -2.11 -19.72
C GLY C 59 -5.11 -1.33 -20.73
N ILE C 60 -5.12 -1.76 -21.98
CA ILE C 60 -5.77 -1.01 -23.05
C ILE C 60 -7.28 -1.18 -22.90
N CYS C 61 -7.98 -0.07 -22.70
CA CYS C 61 -9.43 -0.08 -22.47
C CYS C 61 -9.82 -0.84 -21.20
N ALA C 62 -8.91 -0.94 -20.24
CA ALA C 62 -9.21 -1.55 -18.96
C ALA C 62 -9.46 -0.47 -17.90
N PHE C 63 -10.22 -0.84 -16.88
CA PHE C 63 -10.35 0.02 -15.71
C PHE C 63 -10.15 -0.81 -14.47
N ARG C 64 -9.63 -0.14 -13.45
CA ARG C 64 -9.46 -0.69 -12.12
C ARG C 64 -10.05 0.32 -11.15
N GLY C 65 -10.77 -0.15 -10.14
CA GLY C 65 -11.32 0.74 -9.13
C GLY C 65 -12.28 0.07 -8.17
N LYS C 66 -13.35 0.78 -7.78
CA LYS C 66 -14.30 0.30 -6.78
C LYS C 66 -15.69 0.76 -7.16
N VAL C 67 -16.64 -0.17 -7.15
CA VAL C 67 -18.03 0.22 -7.26
C VAL C 67 -18.41 1.02 -6.03
N THR C 68 -19.03 2.17 -6.25
CA THR C 68 -19.50 2.94 -5.09
C THR C 68 -20.94 2.61 -4.75
N GLN C 69 -21.83 2.60 -5.74
CA GLN C 69 -23.24 2.30 -5.49
C GLN C 69 -23.91 2.00 -6.82
N GLN C 70 -25.02 1.25 -6.74
CA GLN C 70 -26.01 1.26 -7.81
C GLN C 70 -26.57 2.67 -8.00
N VAL C 71 -26.95 2.98 -9.24
CA VAL C 71 -27.53 4.28 -9.56
C VAL C 71 -28.72 4.06 -10.48
N GLN C 72 -29.55 5.11 -10.59
CA GLN C 72 -30.75 5.08 -11.41
C GLN C 72 -30.48 5.71 -12.76
N ASP C 73 -31.02 5.10 -13.81
CA ASP C 73 -30.75 5.54 -15.17
C ASP C 73 -31.88 5.05 -16.06
N GLU C 74 -32.32 5.92 -16.99
CA GLU C 74 -33.38 5.59 -17.95
C GLU C 74 -33.10 4.25 -18.62
N HIS C 75 -32.05 4.27 -19.46
CA HIS C 75 -31.72 3.24 -20.44
C HIS C 75 -31.87 1.84 -19.88
N ARG C 76 -31.90 0.85 -20.76
CA ARG C 76 -32.09 -0.52 -20.33
C ARG C 76 -30.98 -0.96 -19.40
N GLY C 77 -31.28 -1.96 -18.58
CA GLY C 77 -30.30 -2.58 -17.71
C GLY C 77 -30.15 -1.89 -16.38
N THR C 78 -29.20 -2.40 -15.62
CA THR C 78 -28.86 -1.90 -14.30
C THR C 78 -27.56 -1.09 -14.37
N HIS C 79 -27.45 -0.06 -13.53
CA HIS C 79 -26.35 0.89 -13.65
C HIS C 79 -25.61 1.03 -12.33
N TRP C 80 -24.29 1.25 -12.44
CA TRP C 80 -23.39 1.26 -11.31
C TRP C 80 -22.34 2.35 -11.49
N ASN C 81 -22.00 3.02 -10.39
CA ASN C 81 -20.90 3.97 -10.41
C ASN C 81 -19.68 3.30 -9.83
N MET C 82 -18.52 3.55 -10.42
CA MET C 82 -17.27 3.10 -9.82
C MET C 82 -16.25 4.22 -9.92
N THR C 83 -15.49 4.41 -8.85
CA THR C 83 -14.27 5.16 -8.93
C THR C 83 -13.25 4.35 -9.74
N VAL C 84 -12.35 5.05 -10.43
CA VAL C 84 -11.27 4.39 -11.15
C VAL C 84 -9.96 4.92 -10.61
N THR C 85 -9.00 4.01 -10.43
CA THR C 85 -7.65 4.35 -10.02
C THR C 85 -6.73 4.25 -11.24
N ASN C 86 -5.44 4.52 -11.03
CA ASN C 86 -4.46 4.11 -12.02
C ASN C 86 -4.50 2.58 -12.19
N LEU C 87 -3.94 2.10 -13.30
CA LEU C 87 -3.98 0.66 -13.56
C LEU C 87 -3.16 -0.14 -12.55
N ASN C 88 -2.16 0.47 -11.93
CA ASN C 88 -1.36 -0.25 -10.95
C ASN C 88 -1.90 -0.10 -9.54
N GLY C 89 -3.07 0.51 -9.39
CA GLY C 89 -3.77 0.55 -8.13
C GLY C 89 -3.58 1.82 -7.34
N THR C 90 -2.56 2.61 -7.66
CA THR C 90 -2.39 3.89 -6.99
C THR C 90 -3.52 4.85 -7.37
N PRO C 91 -3.93 5.72 -6.45
CA PRO C 91 -5.02 6.67 -6.75
C PRO C 91 -4.69 7.52 -7.96
N PHE C 92 -5.71 7.80 -8.76
CA PHE C 92 -5.55 8.67 -9.93
C PHE C 92 -5.72 10.11 -9.48
N ASP C 93 -4.77 10.96 -9.85
CA ASP C 93 -4.82 12.36 -9.48
C ASP C 93 -5.33 13.17 -10.66
N PRO C 94 -6.58 13.66 -10.64
CA PRO C 94 -7.12 14.32 -11.84
C PRO C 94 -6.28 15.50 -12.31
N THR C 95 -5.42 16.07 -11.45
CA THR C 95 -4.54 17.13 -11.92
C THR C 95 -3.27 16.63 -12.61
N GLU C 96 -3.02 15.31 -12.65
CA GLU C 96 -1.95 14.79 -13.49
C GLU C 96 -2.16 15.24 -14.95
N ASP C 97 -1.06 15.62 -15.60
CA ASP C 97 -1.10 16.16 -16.97
C ASP C 97 -1.26 15.06 -18.03
N VAL C 98 -2.35 14.29 -17.91
CA VAL C 98 -2.78 13.36 -18.96
C VAL C 98 -4.26 13.59 -19.22
N PRO C 99 -4.77 13.14 -20.38
CA PRO C 99 -6.21 13.36 -20.66
C PRO C 99 -7.10 12.58 -19.73
N ALA C 100 -6.60 11.44 -19.19
CA ALA C 100 -7.42 10.56 -18.37
C ALA C 100 -6.49 9.45 -17.85
N PRO C 101 -6.95 8.58 -16.95
CA PRO C 101 -6.06 7.51 -16.49
C PRO C 101 -5.50 6.77 -17.70
N LEU C 102 -4.22 6.42 -17.64
CA LEU C 102 -3.61 5.73 -18.77
C LEU C 102 -4.36 4.42 -19.03
N GLY C 103 -4.60 4.15 -20.31
CA GLY C 103 -5.37 3.02 -20.77
C GLY C 103 -6.83 3.31 -21.03
N THR C 104 -7.36 4.44 -20.50
CA THR C 104 -8.75 4.81 -20.75
C THR C 104 -9.08 4.65 -22.24
N PRO C 105 -10.27 4.15 -22.59
CA PRO C 105 -10.61 4.04 -24.03
C PRO C 105 -10.60 5.41 -24.70
N ASP C 106 -10.30 5.42 -26.01
CA ASP C 106 -10.11 6.69 -26.71
C ASP C 106 -11.13 6.88 -27.83
N PHE C 107 -12.30 6.26 -27.71
CA PHE C 107 -13.26 6.40 -28.78
C PHE C 107 -14.66 6.31 -28.20
N SER C 108 -15.61 6.88 -28.95
CA SER C 108 -17.02 6.84 -28.60
C SER C 108 -17.61 5.47 -28.97
N GLY C 109 -18.39 4.90 -28.06
CA GLY C 109 -18.97 3.60 -28.31
C GLY C 109 -19.40 2.94 -27.03
N GLN C 110 -20.13 1.84 -27.20
CA GLN C 110 -20.53 0.99 -26.08
C GLN C 110 -19.52 -0.13 -26.00
N ILE C 111 -18.63 -0.06 -25.02
CA ILE C 111 -17.57 -1.04 -24.88
C ILE C 111 -18.04 -2.20 -24.01
N TYR C 112 -18.00 -3.40 -24.57
CA TYR C 112 -18.51 -4.59 -23.92
C TYR C 112 -17.37 -5.36 -23.25
N GLY C 113 -17.60 -5.82 -22.04
CA GLY C 113 -16.56 -6.54 -21.35
C GLY C 113 -17.10 -7.26 -20.15
N VAL C 114 -16.21 -7.60 -19.22
CA VAL C 114 -16.61 -8.24 -17.97
C VAL C 114 -16.12 -7.40 -16.80
N ILE C 115 -17.02 -7.13 -15.88
CA ILE C 115 -16.68 -6.58 -14.58
C ILE C 115 -16.51 -7.72 -13.59
N SER C 116 -15.40 -7.75 -12.88
CA SER C 116 -15.16 -8.77 -11.89
C SER C 116 -14.78 -8.12 -10.56
N GLN C 117 -15.06 -8.82 -9.46
CA GLN C 117 -14.73 -8.31 -8.14
C GLN C 117 -14.14 -9.40 -7.27
N ARG C 118 -13.20 -9.01 -6.42
CA ARG C 118 -12.66 -9.85 -5.35
C ARG C 118 -12.74 -9.04 -4.04
N ASN C 119 -13.55 -9.51 -3.10
CA ASN C 119 -13.78 -8.72 -1.88
C ASN C 119 -12.50 -8.60 -1.08
N THR C 120 -12.34 -7.46 -0.40
CA THR C 120 -11.18 -7.26 0.46
C THR C 120 -11.35 -7.94 1.81
N ASN C 121 -12.56 -7.99 2.33
CA ASN C 121 -12.86 -8.58 3.62
C ASN C 121 -13.16 -10.07 3.46
N THR C 122 -13.13 -10.77 4.58
CA THR C 122 -13.35 -12.22 4.58
C THR C 122 -14.30 -12.63 5.69
N GLU C 126 -14.62 -18.96 6.27
CA GLU C 126 -14.47 -19.41 4.88
C GLU C 126 -13.02 -19.60 4.46
N GLY C 127 -12.22 -20.29 5.29
CA GLY C 127 -10.80 -20.35 5.03
C GLY C 127 -10.14 -19.00 4.89
N ASN C 128 -10.80 -17.94 5.37
CA ASN C 128 -10.37 -16.55 5.15
C ASN C 128 -10.15 -16.29 3.67
N LEU C 129 -11.03 -16.86 2.82
CA LEU C 129 -11.01 -16.69 1.37
C LEU C 129 -12.08 -15.71 0.94
N PRO C 130 -11.74 -14.68 0.18
CA PRO C 130 -12.74 -13.67 -0.18
C PRO C 130 -13.78 -14.18 -1.16
N ALA C 131 -14.95 -13.52 -1.12
CA ALA C 131 -16.01 -13.72 -2.10
C ALA C 131 -15.70 -13.00 -3.41
N ASN C 132 -16.25 -13.53 -4.50
CA ASN C 132 -16.01 -13.03 -5.86
C ASN C 132 -17.32 -13.02 -6.64
N ARG C 133 -17.32 -12.24 -7.72
CA ARG C 133 -18.35 -12.33 -8.74
C ARG C 133 -17.85 -11.61 -10.00
N ALA C 134 -18.35 -12.05 -11.15
CA ALA C 134 -18.10 -11.36 -12.41
C ALA C 134 -19.37 -11.36 -13.25
N HIS C 135 -19.58 -10.26 -14.00
CA HIS C 135 -20.72 -10.21 -14.91
C HIS C 135 -20.36 -9.40 -16.15
N GLU C 136 -20.99 -9.76 -17.26
CA GLU C 136 -20.93 -8.91 -18.45
C GLU C 136 -21.34 -7.49 -18.12
N ALA C 137 -20.65 -6.53 -18.73
CA ALA C 137 -20.90 -5.10 -18.49
C ALA C 137 -20.67 -4.34 -19.77
N VAL C 138 -21.27 -3.13 -19.83
CA VAL C 138 -21.13 -2.21 -20.96
C VAL C 138 -20.75 -0.84 -20.40
N ILE C 139 -19.76 -0.20 -21.01
CA ILE C 139 -19.37 1.18 -20.66
C ILE C 139 -19.61 2.06 -21.88
N ALA C 140 -20.54 3.01 -21.75
CA ALA C 140 -20.86 3.96 -22.82
C ALA C 140 -19.93 5.17 -22.66
N THR C 141 -18.93 5.24 -23.53
CA THR C 141 -17.92 6.27 -23.37
C THR C 141 -18.41 7.63 -23.84
N TYR C 142 -19.50 7.68 -24.61
CA TYR C 142 -20.11 8.94 -25.04
C TYR C 142 -21.03 9.55 -24.00
N SER C 143 -21.30 8.85 -22.90
CA SER C 143 -22.30 9.27 -21.93
C SER C 143 -21.79 10.41 -21.03
N PRO C 144 -22.69 11.26 -20.53
CA PRO C 144 -22.25 12.33 -19.62
C PRO C 144 -21.68 11.78 -18.31
N LYS C 145 -22.01 10.55 -17.92
CA LYS C 145 -21.43 9.95 -16.73
C LYS C 145 -20.06 9.31 -16.95
N PHE C 146 -19.56 9.25 -18.17
CA PHE C 146 -18.19 8.80 -18.42
C PHE C 146 -17.26 9.96 -18.14
N THR C 147 -16.74 10.04 -16.91
CA THR C 147 -15.82 11.11 -16.50
C THR C 147 -14.56 10.54 -15.87
N PRO C 148 -13.82 9.70 -16.61
CA PRO C 148 -12.62 9.07 -16.02
C PRO C 148 -11.57 10.08 -15.57
N LYS C 149 -11.43 11.20 -16.29
CA LYS C 149 -10.50 12.25 -15.86
C LYS C 149 -10.87 12.81 -14.48
N LEU C 150 -12.13 12.67 -14.08
CA LEU C 150 -12.58 13.07 -12.76
C LEU C 150 -12.51 11.94 -11.74
N GLY C 151 -12.13 10.74 -12.17
CA GLY C 151 -11.98 9.66 -11.23
C GLY C 151 -13.16 8.73 -11.07
N ASN C 152 -14.16 8.82 -11.95
CA ASN C 152 -15.26 7.88 -11.81
C ASN C 152 -15.96 7.72 -13.16
N ILE C 153 -16.60 6.56 -13.33
CA ILE C 153 -17.32 6.23 -14.54
C ILE C 153 -18.56 5.44 -14.14
N GLN C 154 -19.42 5.23 -15.12
CA GLN C 154 -20.60 4.40 -15.01
C GLN C 154 -20.45 3.17 -15.91
N PHE C 155 -21.06 2.07 -15.48
CA PHE C 155 -21.22 0.92 -16.35
C PHE C 155 -22.57 0.29 -16.07
N SER C 156 -23.08 -0.46 -17.04
CA SER C 156 -24.36 -1.14 -16.90
C SER C 156 -24.15 -2.64 -17.02
N THR C 157 -25.06 -3.40 -16.40
CA THR C 157 -25.07 -4.85 -16.51
C THR C 157 -26.46 -5.33 -16.92
N TRP C 158 -26.53 -6.56 -17.43
CA TRP C 158 -27.80 -7.25 -17.50
C TRP C 158 -28.20 -7.77 -16.12
N GLU C 159 -27.25 -8.33 -15.40
CA GLU C 159 -27.43 -8.72 -14.01
C GLU C 159 -28.08 -7.58 -13.23
N THR C 160 -29.02 -7.94 -12.35
CA THR C 160 -29.80 -6.92 -11.66
C THR C 160 -29.28 -6.57 -10.26
N GLN C 161 -28.49 -7.44 -9.62
CA GLN C 161 -28.12 -7.06 -8.25
C GLN C 161 -26.77 -7.60 -7.78
N ASP C 162 -26.14 -8.49 -8.52
CA ASP C 162 -24.97 -9.19 -7.97
C ASP C 162 -23.66 -8.45 -8.28
N VAL C 163 -23.63 -7.17 -7.88
CA VAL C 163 -22.44 -6.33 -7.93
C VAL C 163 -22.34 -5.62 -6.59
N SER C 164 -21.16 -5.63 -5.98
CA SER C 164 -21.02 -5.24 -4.58
C SER C 164 -20.38 -3.86 -4.43
N SER C 165 -20.93 -3.06 -3.53
CA SER C 165 -20.38 -1.74 -3.27
C SER C 165 -19.15 -1.82 -2.39
N GLY C 166 -18.20 -0.93 -2.64
CA GLY C 166 -17.03 -0.84 -1.81
C GLY C 166 -16.01 -1.95 -1.99
N GLN C 167 -16.08 -2.69 -3.09
CA GLN C 167 -15.16 -3.80 -3.29
C GLN C 167 -14.31 -3.55 -4.52
N PRO C 168 -13.06 -4.04 -4.52
CA PRO C 168 -12.18 -3.86 -5.68
C PRO C 168 -12.79 -4.42 -6.95
N THR C 169 -12.67 -3.65 -8.03
CA THR C 169 -13.38 -3.94 -9.26
C THR C 169 -12.43 -3.82 -10.45
N LYS C 170 -12.55 -4.75 -11.40
CA LYS C 170 -11.76 -4.74 -12.61
C LYS C 170 -12.69 -4.84 -13.81
N PHE C 171 -12.42 -4.05 -14.86
CA PHE C 171 -13.10 -4.21 -16.14
C PHE C 171 -12.12 -4.83 -17.12
N THR C 172 -12.50 -6.00 -17.68
CA THR C 172 -11.77 -6.64 -18.76
C THR C 172 -12.50 -6.38 -20.06
N PRO C 173 -11.91 -5.65 -21.00
CA PRO C 173 -12.59 -5.35 -22.27
C PRO C 173 -12.63 -6.57 -23.16
N VAL C 174 -13.75 -6.72 -23.87
CA VAL C 174 -13.91 -7.84 -24.80
C VAL C 174 -14.23 -7.36 -26.22
N GLY C 175 -15.08 -6.33 -26.35
CA GLY C 175 -15.49 -5.89 -27.67
C GLY C 175 -16.46 -4.72 -27.58
N LEU C 176 -17.38 -4.61 -28.51
CA LEU C 176 -18.46 -3.62 -28.46
C LEU C 176 -19.80 -4.27 -28.13
N ALA C 177 -20.68 -3.53 -27.47
CA ALA C 177 -22.01 -4.08 -27.23
C ALA C 177 -22.88 -4.02 -28.49
N SER C 178 -22.73 -2.98 -29.30
CA SER C 178 -23.61 -2.76 -30.44
C SER C 178 -22.89 -1.79 -31.34
N VAL C 179 -23.22 -1.85 -32.63
CA VAL C 179 -22.87 -0.73 -33.50
C VAL C 179 -24.12 -0.10 -34.11
N ASP C 180 -25.28 -0.30 -33.47
CA ASP C 180 -26.53 0.31 -33.93
C ASP C 180 -26.43 1.83 -33.84
N ALA C 181 -27.39 2.51 -34.46
CA ALA C 181 -27.39 3.98 -34.49
C ALA C 181 -27.22 4.58 -33.10
N ASN C 182 -28.01 4.11 -32.13
CA ASN C 182 -27.97 4.73 -30.81
C ASN C 182 -26.81 4.24 -29.94
N SER C 183 -25.88 3.45 -30.51
CA SER C 183 -24.68 3.04 -29.78
C SER C 183 -23.48 3.94 -30.05
N HIS C 184 -23.62 4.89 -30.99
CA HIS C 184 -22.65 5.96 -31.22
C HIS C 184 -21.21 5.45 -31.32
N PHE C 185 -21.02 4.34 -32.02
CA PHE C 185 -19.65 3.91 -32.31
C PHE C 185 -19.04 4.86 -33.34
N ASP C 186 -17.98 5.58 -32.95
CA ASP C 186 -17.21 6.29 -33.96
C ASP C 186 -15.79 6.27 -33.46
N GLN C 187 -14.92 5.53 -34.16
CA GLN C 187 -13.60 5.29 -33.57
C GLN C 187 -12.74 6.54 -33.55
N TRP C 188 -13.10 7.59 -34.29
CA TRP C 188 -12.32 8.82 -34.32
C TRP C 188 -12.93 9.97 -33.52
N THR C 189 -14.06 9.74 -32.82
CA THR C 189 -14.58 10.75 -31.90
C THR C 189 -14.07 10.42 -30.51
N LEU C 190 -13.32 11.35 -29.92
CA LEU C 190 -12.82 11.15 -28.58
C LEU C 190 -13.96 11.21 -27.58
N PRO C 191 -13.82 10.49 -26.47
CA PRO C 191 -14.71 10.73 -25.34
C PRO C 191 -14.48 12.13 -24.79
N SER C 192 -15.46 12.61 -24.03
CA SER C 192 -15.24 13.77 -23.16
C SER C 192 -14.77 13.22 -21.83
N TYR C 193 -13.45 13.27 -21.59
CA TYR C 193 -12.83 12.58 -20.46
C TYR C 193 -13.30 13.14 -19.12
N SER C 194 -13.63 14.43 -19.05
CA SER C 194 -14.16 15.01 -17.82
C SER C 194 -15.66 15.27 -17.86
N GLY C 195 -16.38 14.74 -18.84
CA GLY C 195 -17.75 15.17 -18.94
C GLY C 195 -17.97 16.28 -19.98
N ALA C 196 -19.21 16.40 -20.45
CA ALA C 196 -19.47 16.93 -21.79
C ALA C 196 -19.15 18.41 -21.92
N LEU C 197 -19.22 19.18 -20.84
CA LEU C 197 -19.03 20.61 -20.96
C LEU C 197 -17.61 21.03 -20.70
N THR C 198 -16.69 20.09 -20.49
CA THR C 198 -15.30 20.42 -20.16
C THR C 198 -14.37 20.01 -21.28
N LEU C 199 -13.31 20.79 -21.46
CA LEU C 199 -12.35 20.54 -22.50
C LEU C 199 -11.44 19.39 -22.12
N ASN C 200 -11.23 18.45 -23.06
CA ASN C 200 -10.16 17.47 -22.93
C ASN C 200 -8.81 18.20 -22.92
N MET C 201 -7.82 17.61 -22.23
CA MET C 201 -6.54 18.28 -22.06
C MET C 201 -5.37 17.32 -22.27
N ASN C 202 -4.20 17.91 -22.54
CA ASN C 202 -2.95 17.16 -22.66
C ASN C 202 -3.04 16.07 -23.73
N LEU C 203 -3.71 16.38 -24.84
CA LEU C 203 -3.96 15.39 -25.87
C LEU C 203 -2.73 15.17 -26.74
N ALA C 204 -2.49 13.91 -27.10
CA ALA C 204 -1.59 13.64 -28.21
C ALA C 204 -2.14 14.36 -29.44
N PRO C 205 -1.28 14.90 -30.30
CA PRO C 205 -1.77 15.67 -31.45
C PRO C 205 -2.46 14.83 -32.52
N SER C 206 -3.26 15.51 -33.34
CA SER C 206 -3.86 14.87 -34.51
C SER C 206 -2.78 14.53 -35.53
N VAL C 207 -3.08 13.56 -36.43
CA VAL C 207 -2.15 13.13 -37.46
C VAL C 207 -2.84 13.17 -38.82
N ALA C 208 -2.07 13.51 -39.85
CA ALA C 208 -2.60 13.56 -41.22
C ALA C 208 -1.42 13.52 -42.19
N PRO C 209 -1.66 13.09 -43.42
CA PRO C 209 -0.62 13.25 -44.44
C PRO C 209 -0.49 14.73 -44.78
N VAL C 210 0.67 15.11 -45.31
CA VAL C 210 0.90 16.47 -45.77
C VAL C 210 1.22 16.50 -47.27
N PHE C 211 2.12 15.66 -47.71
CA PHE C 211 2.47 15.58 -49.13
C PHE C 211 1.24 15.12 -49.90
N PRO C 212 0.86 15.78 -50.99
CA PRO C 212 -0.33 15.34 -51.72
C PRO C 212 -0.12 13.94 -52.28
N GLY C 213 -1.21 13.20 -52.42
CA GLY C 213 -1.12 11.83 -52.86
C GLY C 213 -0.90 10.81 -51.76
N GLU C 214 -0.57 11.26 -50.55
CA GLU C 214 -0.33 10.31 -49.47
C GLU C 214 -1.56 10.18 -48.61
N CYS C 215 -1.66 9.05 -47.90
CA CYS C 215 -2.72 8.80 -46.95
C CYS C 215 -2.14 8.06 -45.74
N LEU C 216 -2.89 8.07 -44.63
CA LEU C 216 -2.50 7.33 -43.43
C LEU C 216 -2.59 5.84 -43.70
N LEU C 217 -1.63 5.07 -43.15
CA LEU C 217 -1.69 3.61 -43.20
C LEU C 217 -1.92 3.12 -41.77
N PHE C 218 -2.97 2.34 -41.57
CA PHE C 218 -3.41 1.85 -40.29
C PHE C 218 -3.13 0.36 -40.12
N PHE C 219 -2.94 -0.03 -38.87
CA PHE C 219 -2.95 -1.43 -38.45
C PHE C 219 -4.36 -1.72 -37.93
N ARG C 220 -5.12 -2.55 -38.65
CA ARG C 220 -6.55 -2.69 -38.41
C ARG C 220 -6.85 -4.01 -37.69
N SER C 221 -7.78 -3.97 -36.72
CA SER C 221 -8.26 -5.16 -36.07
C SER C 221 -9.78 -5.13 -36.09
N PHE C 222 -10.40 -6.27 -36.38
CA PHE C 222 -11.85 -6.38 -36.24
C PHE C 222 -12.19 -6.69 -34.79
N ILE C 223 -13.16 -5.96 -34.25
CA ILE C 223 -13.51 -5.97 -32.84
C ILE C 223 -14.79 -6.79 -32.66
N PRO C 224 -14.84 -7.74 -31.74
CA PRO C 224 -16.06 -8.54 -31.53
C PRO C 224 -17.27 -7.70 -31.13
N LEU C 225 -18.46 -8.23 -31.45
CA LEU C 225 -19.75 -7.62 -31.13
C LEU C 225 -20.57 -8.54 -30.25
N LYS C 226 -21.22 -7.97 -29.22
CA LYS C 226 -22.02 -8.79 -28.32
C LYS C 226 -23.27 -9.34 -29.00
N GLY C 227 -23.77 -8.67 -30.04
CA GLY C 227 -24.89 -9.13 -30.82
C GLY C 227 -25.24 -8.08 -31.85
N GLY C 228 -26.14 -8.45 -32.76
CA GLY C 228 -26.53 -7.51 -33.80
C GLY C 228 -25.73 -7.69 -35.07
N TYR C 229 -25.97 -6.79 -36.02
CA TYR C 229 -25.31 -6.86 -37.32
C TYR C 229 -24.18 -5.84 -37.42
N GLY C 230 -23.10 -6.22 -38.08
CA GLY C 230 -21.99 -5.29 -38.29
C GLY C 230 -20.66 -6.01 -38.39
N ASN C 231 -19.67 -5.28 -38.90
CA ASN C 231 -18.28 -5.78 -38.95
C ASN C 231 -17.35 -4.66 -38.49
N PRO C 232 -17.54 -4.17 -37.26
CA PRO C 232 -16.74 -3.02 -36.81
C PRO C 232 -15.25 -3.36 -36.70
N ALA C 233 -14.42 -2.34 -36.89
CA ALA C 233 -12.98 -2.46 -36.84
C ALA C 233 -12.41 -1.28 -36.05
N ILE C 234 -11.19 -1.47 -35.52
CA ILE C 234 -10.43 -0.46 -34.79
C ILE C 234 -9.07 -0.31 -35.48
N ASP C 235 -8.75 0.91 -35.89
CA ASP C 235 -7.51 1.20 -36.57
C ASP C 235 -6.55 1.89 -35.60
N CYS C 236 -5.32 1.38 -35.46
CA CYS C 236 -4.32 2.09 -34.67
C CYS C 236 -3.18 2.57 -35.56
N LEU C 237 -2.48 3.61 -35.09
CA LEU C 237 -1.38 4.18 -35.88
C LEU C 237 -0.12 3.33 -35.88
N MET C 238 0.15 2.59 -34.78
CA MET C 238 1.32 1.75 -34.54
C MET C 238 0.82 0.63 -33.62
N PRO C 239 1.24 -0.61 -33.86
CA PRO C 239 0.86 -1.68 -32.93
C PRO C 239 1.52 -1.50 -31.59
N GLN C 240 0.93 -2.14 -30.58
CA GLN C 240 1.46 -2.03 -29.23
C GLN C 240 2.94 -2.42 -29.16
N GLU C 241 3.37 -3.39 -29.96
CA GLU C 241 4.76 -3.81 -29.86
C GLU C 241 5.69 -2.73 -30.36
N TRP C 242 5.23 -1.84 -31.25
CA TRP C 242 6.11 -0.74 -31.68
C TRP C 242 6.21 0.30 -30.58
N VAL C 243 5.09 0.57 -29.92
CA VAL C 243 5.09 1.45 -28.74
C VAL C 243 6.11 0.94 -27.73
N GLN C 244 6.04 -0.37 -27.45
CA GLN C 244 6.92 -0.96 -26.44
C GLN C 244 8.36 -0.89 -26.88
N HIS C 245 8.63 -1.18 -28.14
CA HIS C 245 10.01 -1.17 -28.63
C HIS C 245 10.60 0.23 -28.69
N LEU C 246 9.86 1.18 -29.25
CA LEU C 246 10.34 2.57 -29.30
C LEU C 246 10.62 3.10 -27.89
N TYR C 247 9.76 2.82 -26.94
CA TYR C 247 10.01 3.26 -25.56
C TYR C 247 11.31 2.67 -25.03
N GLN C 248 11.54 1.38 -25.24
CA GLN C 248 12.77 0.77 -24.74
C GLN C 248 13.99 1.36 -25.42
N GLU C 249 13.91 1.57 -26.75
CA GLU C 249 15.12 1.94 -27.49
C GLU C 249 15.55 3.37 -27.24
N SER C 250 14.60 4.29 -27.07
CA SER C 250 14.92 5.71 -26.82
C SER C 250 15.94 6.24 -27.83
N ALA C 251 15.77 5.86 -29.11
CA ALA C 251 16.71 6.29 -30.14
C ALA C 251 16.38 7.71 -30.61
N PRO C 252 17.37 8.61 -30.71
CA PRO C 252 17.08 9.98 -31.18
C PRO C 252 16.57 9.98 -32.61
N SER C 253 15.56 10.80 -32.88
CA SER C 253 15.04 10.89 -34.25
C SER C 253 15.96 11.81 -35.06
N LEU C 254 16.52 11.31 -36.16
CA LEU C 254 17.48 12.13 -36.91
C LEU C 254 16.81 13.01 -37.98
N SER C 255 15.50 12.89 -38.19
CA SER C 255 14.73 13.83 -39.00
C SER C 255 13.27 13.71 -38.58
N ASP C 256 12.38 14.34 -39.33
CA ASP C 256 10.97 14.23 -39.03
C ASP C 256 10.34 13.00 -39.68
N VAL C 257 11.07 12.28 -40.53
CA VAL C 257 10.50 11.19 -41.32
C VAL C 257 11.48 10.04 -41.49
N ALA C 258 11.08 8.84 -41.04
CA ALA C 258 11.87 7.64 -41.25
C ALA C 258 11.27 6.89 -42.42
N LEU C 259 12.07 6.64 -43.44
CA LEU C 259 11.60 5.81 -44.53
C LEU C 259 11.68 4.36 -44.08
N VAL C 260 10.58 3.62 -44.22
CA VAL C 260 10.56 2.19 -43.90
C VAL C 260 10.08 1.44 -45.12
N ARG C 261 10.48 0.18 -45.21
CA ARG C 261 10.05 -0.72 -46.28
C ARG C 261 9.41 -1.98 -45.71
N TYR C 262 8.32 -2.41 -46.35
CA TYR C 262 7.64 -3.64 -46.00
C TYR C 262 8.23 -4.74 -46.84
N VAL C 263 8.90 -5.69 -46.19
CA VAL C 263 9.72 -6.65 -46.90
C VAL C 263 9.11 -8.03 -46.75
N ASN C 264 9.24 -8.83 -47.79
CA ASN C 264 8.82 -10.22 -47.73
C ASN C 264 10.06 -11.07 -47.51
N PRO C 265 10.28 -11.60 -46.30
CA PRO C 265 11.50 -12.38 -46.07
C PRO C 265 11.59 -13.60 -46.96
N GLU C 266 10.46 -14.11 -47.46
CA GLU C 266 10.50 -15.25 -48.39
C GLU C 266 11.25 -14.90 -49.67
N THR C 267 11.24 -13.63 -50.08
CA THR C 267 11.88 -13.20 -51.32
C THR C 267 12.99 -12.19 -51.13
N GLY C 268 13.14 -11.62 -49.95
CA GLY C 268 14.08 -10.53 -49.74
C GLY C 268 13.67 -9.21 -50.36
N ARG C 269 12.53 -9.17 -51.02
CA ARG C 269 12.12 -7.99 -51.77
C ARG C 269 11.26 -7.06 -50.93
N THR C 270 11.27 -5.78 -51.34
CA THR C 270 10.42 -4.73 -50.77
C THR C 270 9.08 -4.73 -51.50
N LEU C 271 7.98 -4.83 -50.74
CA LEU C 271 6.68 -4.80 -51.41
C LEU C 271 6.20 -3.38 -51.62
N PHE C 272 6.46 -2.50 -50.65
CA PHE C 272 6.15 -1.08 -50.78
C PHE C 272 6.93 -0.34 -49.71
N GLU C 273 6.96 0.98 -49.82
CA GLU C 273 7.63 1.79 -48.81
C GLU C 273 6.62 2.75 -48.18
N ALA C 274 6.97 3.23 -46.99
CA ALA C 274 6.08 4.08 -46.24
C ALA C 274 6.92 5.11 -45.49
N LYS C 275 6.27 6.20 -45.12
CA LYS C 275 6.88 7.19 -44.25
C LYS C 275 6.42 6.95 -42.83
N LEU C 276 7.37 6.73 -41.91
CA LEU C 276 7.10 6.67 -40.49
C LEU C 276 7.48 8.02 -39.89
N HIS C 277 6.48 8.75 -39.43
CA HIS C 277 6.67 10.12 -39.05
C HIS C 277 7.05 10.20 -37.58
N ARG C 278 7.76 11.28 -37.23
CA ARG C 278 8.32 11.46 -35.89
C ARG C 278 7.28 11.31 -34.79
N ASN C 279 6.05 11.81 -35.01
CA ASN C 279 5.02 11.73 -33.97
C ASN C 279 4.42 10.33 -33.83
N GLY C 280 4.75 9.40 -34.72
CA GLY C 280 4.35 8.00 -34.50
C GLY C 280 3.21 7.54 -35.36
N PHE C 281 3.35 7.64 -36.69
CA PHE C 281 2.29 7.19 -37.58
C PHE C 281 2.88 7.04 -38.97
N LEU C 282 2.16 6.31 -39.82
CA LEU C 282 2.63 6.00 -41.17
C LEU C 282 1.78 6.68 -42.25
N THR C 283 2.44 7.11 -43.33
CA THR C 283 1.73 7.44 -44.55
C THR C 283 2.29 6.63 -45.72
N VAL C 284 1.43 6.43 -46.72
CA VAL C 284 1.78 5.71 -47.94
C VAL C 284 1.19 6.51 -49.10
N ALA C 285 1.75 6.27 -50.28
CA ALA C 285 1.23 6.85 -51.51
C ALA C 285 0.26 5.82 -52.07
N ARG C 286 -0.99 5.91 -51.65
CA ARG C 286 -2.02 4.99 -52.12
C ARG C 286 -3.27 5.80 -52.41
N ASN C 287 -3.96 5.43 -53.47
CA ASN C 287 -5.12 6.15 -53.98
C ASN C 287 -6.40 5.34 -53.84
N SER C 288 -6.43 4.38 -52.91
CA SER C 288 -7.58 3.51 -52.75
C SER C 288 -7.80 3.22 -51.27
N ALA C 289 -9.00 2.77 -50.95
CA ALA C 289 -9.32 2.38 -49.59
C ALA C 289 -9.36 0.86 -49.51
N GLY C 290 -9.19 0.36 -48.30
CA GLY C 290 -9.35 -1.04 -48.03
C GLY C 290 -8.05 -1.67 -47.57
N PRO C 291 -8.09 -2.98 -47.37
CA PRO C 291 -6.90 -3.70 -46.94
C PRO C 291 -5.74 -3.60 -47.92
N VAL C 292 -4.55 -3.67 -47.36
CA VAL C 292 -3.33 -3.86 -48.13
C VAL C 292 -3.07 -5.35 -48.14
N VAL C 293 -3.09 -5.96 -49.32
CA VAL C 293 -2.88 -7.39 -49.43
C VAL C 293 -1.37 -7.62 -49.53
N ALA C 294 -0.79 -8.16 -48.45
CA ALA C 294 0.64 -8.39 -48.32
C ALA C 294 0.85 -9.65 -47.50
N PRO C 295 1.94 -10.38 -47.74
CA PRO C 295 2.19 -11.59 -46.95
C PRO C 295 2.30 -11.27 -45.47
N THR C 296 1.50 -11.98 -44.68
CA THR C 296 1.48 -11.70 -43.24
C THR C 296 2.78 -12.08 -42.54
N ASN C 297 3.70 -12.77 -43.22
CA ASN C 297 5.06 -12.95 -42.72
C ASN C 297 5.94 -11.73 -42.93
N GLY C 298 5.48 -10.76 -43.73
CA GLY C 298 6.27 -9.56 -43.98
C GLY C 298 6.31 -8.64 -42.78
N TYR C 299 7.14 -7.60 -42.89
CA TYR C 299 7.29 -6.68 -41.77
C TYR C 299 7.96 -5.41 -42.26
N PHE C 300 7.71 -4.31 -41.54
CA PHE C 300 8.38 -3.04 -41.84
C PHE C 300 9.82 -3.07 -41.33
N ARG C 301 10.75 -2.64 -42.19
CA ARG C 301 12.14 -2.49 -41.80
C ARG C 301 12.56 -1.04 -42.01
N PHE C 302 13.28 -0.49 -41.03
CA PHE C 302 13.83 0.86 -41.14
C PHE C 302 14.85 0.92 -42.27
N ASP C 303 14.66 1.88 -43.18
CA ASP C 303 15.61 2.12 -44.25
C ASP C 303 16.56 3.27 -43.93
N SER C 304 16.02 4.46 -43.71
CA SER C 304 16.88 5.63 -43.53
C SER C 304 16.05 6.83 -43.12
N TRP C 305 16.71 7.85 -42.62
CA TRP C 305 16.03 9.09 -42.31
C TRP C 305 16.01 9.93 -43.59
N VAL C 306 14.84 10.48 -43.91
CA VAL C 306 14.62 11.28 -45.12
C VAL C 306 13.99 12.60 -44.70
N ASN C 307 13.85 13.51 -45.64
CA ASN C 307 13.19 14.78 -45.32
C ASN C 307 11.70 14.70 -45.72
N GLN C 308 10.96 15.75 -45.36
CA GLN C 308 9.50 15.71 -45.55
C GLN C 308 9.11 15.71 -47.02
N PHE C 309 9.96 16.26 -47.89
CA PHE C 309 9.66 16.31 -49.31
C PHE C 309 10.01 15.02 -50.06
N TYR C 310 10.31 13.93 -49.36
CA TYR C 310 10.60 12.67 -50.04
C TYR C 310 9.35 12.14 -50.73
N THR C 311 9.48 11.71 -51.99
CA THR C 311 8.37 11.19 -52.79
C THR C 311 8.34 9.68 -52.67
N LEU C 312 7.23 9.14 -52.15
CA LEU C 312 7.06 7.71 -52.03
C LEU C 312 6.67 7.11 -53.37
N ALA C 313 7.28 5.97 -53.69
CA ALA C 313 6.80 5.17 -54.81
C ALA C 313 5.37 4.73 -54.55
N PRO C 314 4.45 4.96 -55.48
CA PRO C 314 3.05 4.58 -55.22
C PRO C 314 2.92 3.10 -54.95
N MET C 315 1.88 2.73 -54.22
CA MET C 315 1.69 1.32 -53.94
C MET C 315 0.94 0.69 -55.10
N GLN D 1 -7.68 -21.41 6.74
CA GLN D 1 -7.64 -22.85 7.00
C GLN D 1 -7.44 -23.13 8.49
N VAL D 2 -8.39 -22.75 9.33
CA VAL D 2 -8.32 -23.09 10.74
C VAL D 2 -8.91 -24.49 10.92
N GLN D 3 -8.10 -25.40 11.47
CA GLN D 3 -8.55 -26.72 11.87
C GLN D 3 -8.10 -27.00 13.29
N LEU D 4 -8.99 -27.61 14.06
CA LEU D 4 -8.74 -28.03 15.42
C LEU D 4 -8.91 -29.54 15.48
N GLN D 5 -7.92 -30.26 15.99
CA GLN D 5 -7.95 -31.73 15.98
C GLN D 5 -7.74 -32.27 17.39
N GLU D 6 -8.75 -32.96 17.92
CA GLU D 6 -8.73 -33.52 19.28
C GLU D 6 -8.26 -34.97 19.24
N SER D 7 -7.51 -35.36 20.28
CA SER D 7 -7.09 -36.76 20.41
C SER D 7 -6.86 -37.05 21.88
N GLY D 8 -6.55 -38.32 22.17
CA GLY D 8 -6.26 -38.75 23.52
C GLY D 8 -7.42 -39.40 24.22
N GLY D 9 -8.61 -39.43 23.60
CA GLY D 9 -9.76 -40.05 24.21
C GLY D 9 -9.61 -41.56 24.22
N GLY D 10 -10.53 -42.21 24.91
CA GLY D 10 -10.51 -43.65 24.98
C GLY D 10 -11.49 -44.17 26.00
N LEU D 11 -11.31 -45.45 26.32
CA LEU D 11 -12.12 -46.14 27.31
C LEU D 11 -11.33 -46.24 28.60
N VAL D 12 -11.97 -45.92 29.72
CA VAL D 12 -11.27 -45.81 30.99
C VAL D 12 -12.26 -46.10 32.10
N GLN D 13 -11.74 -46.60 33.22
CA GLN D 13 -12.56 -46.95 34.36
C GLN D 13 -12.75 -45.75 35.28
N ALA D 14 -13.80 -45.79 36.09
CA ALA D 14 -14.02 -44.72 37.06
C ALA D 14 -12.82 -44.60 37.97
N GLY D 15 -12.34 -43.37 38.15
CA GLY D 15 -11.15 -43.13 38.92
C GLY D 15 -9.88 -43.11 38.11
N GLY D 16 -9.94 -43.50 36.85
CA GLY D 16 -8.80 -43.41 35.96
C GLY D 16 -8.59 -42.00 35.45
N SER D 17 -7.62 -41.86 34.55
CA SER D 17 -7.26 -40.54 34.05
C SER D 17 -6.92 -40.64 32.58
N LEU D 18 -7.14 -39.55 31.85
CA LEU D 18 -6.69 -39.36 30.48
C LEU D 18 -6.07 -37.98 30.34
N ARG D 19 -5.40 -37.77 29.21
CA ARG D 19 -5.02 -36.43 28.76
C ARG D 19 -5.48 -36.24 27.34
N LEU D 20 -6.41 -35.30 27.11
CA LEU D 20 -6.80 -34.98 25.74
C LEU D 20 -5.94 -33.88 25.15
N SER D 21 -5.78 -33.94 23.83
CA SER D 21 -5.02 -32.97 23.07
C SER D 21 -5.94 -32.23 22.10
N CYS D 22 -5.71 -30.94 21.95
CA CYS D 22 -6.34 -30.16 20.89
C CYS D 22 -5.19 -29.46 20.17
N ALA D 23 -4.92 -29.91 18.94
CA ALA D 23 -3.86 -29.33 18.12
C ALA D 23 -4.51 -28.44 17.07
N ALA D 24 -3.85 -27.32 16.75
CA ALA D 24 -4.41 -26.35 15.82
C ALA D 24 -3.46 -26.10 14.67
N SER D 25 -4.04 -25.72 13.53
CA SER D 25 -3.31 -25.20 12.38
C SER D 25 -4.09 -24.02 11.81
N GLY D 26 -3.37 -23.01 11.36
CA GLY D 26 -4.01 -21.79 10.88
C GLY D 26 -4.31 -20.79 11.98
N LEU D 27 -3.87 -21.05 13.20
CA LEU D 27 -4.21 -20.32 14.41
C LEU D 27 -3.25 -20.78 15.50
N THR D 28 -2.73 -19.85 16.31
CA THR D 28 -1.88 -20.23 17.44
C THR D 28 -2.66 -20.02 18.72
N PHE D 29 -2.66 -21.03 19.60
CA PHE D 29 -3.35 -20.88 20.89
C PHE D 29 -2.78 -19.74 21.73
N SER D 30 -1.50 -19.42 21.55
CA SER D 30 -0.86 -18.36 22.32
C SER D 30 -1.41 -16.98 22.00
N THR D 31 -2.26 -16.84 20.98
CA THR D 31 -2.82 -15.54 20.65
C THR D 31 -4.33 -15.59 20.48
N ASN D 32 -4.99 -16.61 21.03
CA ASN D 32 -6.44 -16.71 20.94
C ASN D 32 -6.94 -17.40 22.20
N GLY D 33 -8.24 -17.29 22.45
CA GLY D 33 -8.87 -18.05 23.49
C GLY D 33 -9.40 -19.40 22.99
N MET D 34 -9.46 -20.35 23.90
CA MET D 34 -9.95 -21.69 23.58
C MET D 34 -10.69 -22.26 24.77
N GLY D 35 -11.60 -23.20 24.46
CA GLY D 35 -12.40 -23.86 25.47
C GLY D 35 -12.67 -25.30 25.09
N TRP D 36 -12.95 -26.11 26.11
CA TRP D 36 -13.40 -27.49 25.96
C TRP D 36 -14.88 -27.56 26.29
N PHE D 37 -15.67 -28.16 25.38
CA PHE D 37 -17.05 -28.55 25.61
C PHE D 37 -17.17 -30.08 25.58
N ARG D 38 -18.21 -30.61 26.19
CA ARG D 38 -18.48 -32.05 26.11
C ARG D 38 -19.93 -32.27 25.73
N GLN D 39 -20.17 -33.40 25.04
CA GLN D 39 -21.47 -33.68 24.43
C GLN D 39 -21.72 -35.19 24.52
N ALA D 40 -22.51 -35.59 25.51
CA ALA D 40 -22.99 -36.96 25.66
C ALA D 40 -24.33 -37.13 24.93
N PRO D 41 -24.53 -38.23 24.21
CA PRO D 41 -25.78 -38.39 23.44
C PRO D 41 -26.99 -38.37 24.37
N GLY D 42 -27.99 -37.56 23.99
CA GLY D 42 -29.21 -37.43 24.75
C GLY D 42 -29.18 -36.39 25.86
N LYS D 43 -28.07 -35.67 26.01
CA LYS D 43 -27.96 -34.62 27.01
C LYS D 43 -27.46 -33.34 26.37
N GLU D 44 -27.63 -32.23 27.07
CA GLU D 44 -27.29 -30.93 26.52
C GLU D 44 -25.79 -30.67 26.55
N ARG D 45 -25.34 -29.84 25.60
CA ARG D 45 -23.95 -29.40 25.60
C ARG D 45 -23.53 -28.89 26.96
N GLU D 46 -22.28 -29.15 27.32
CA GLU D 46 -21.74 -28.63 28.56
C GLU D 46 -20.36 -28.03 28.31
N PHE D 47 -20.12 -26.86 28.91
CA PHE D 47 -18.81 -26.22 28.89
C PHE D 47 -17.96 -26.78 30.03
N VAL D 48 -16.73 -27.18 29.70
CA VAL D 48 -15.91 -27.86 30.70
C VAL D 48 -14.83 -26.95 31.27
N PHE D 49 -14.03 -26.38 30.37
CA PHE D 49 -12.81 -25.67 30.77
C PHE D 49 -12.38 -24.76 29.63
N GLY D 50 -12.17 -23.48 29.94
CA GLY D 50 -11.75 -22.52 28.92
C GLY D 50 -10.65 -21.64 29.47
N VAL D 51 -9.87 -21.07 28.56
CA VAL D 51 -8.68 -20.27 28.89
C VAL D 51 -8.48 -19.18 27.83
N ASN D 52 -7.91 -18.05 28.25
CA ASN D 52 -7.63 -16.99 27.29
C ASN D 52 -6.21 -17.16 26.74
N TRP D 53 -5.76 -16.20 25.91
CA TRP D 53 -4.54 -16.34 25.10
C TRP D 53 -3.28 -16.63 25.92
N ASN D 54 -3.11 -15.97 27.08
CA ASN D 54 -1.87 -16.15 27.83
C ASN D 54 -2.07 -17.05 29.05
N GLY D 55 -3.20 -17.76 29.14
CA GLY D 55 -3.48 -18.55 30.33
C GLY D 55 -3.73 -17.76 31.59
N GLY D 56 -3.80 -16.42 31.52
CA GLY D 56 -4.00 -15.67 32.75
C GLY D 56 -5.41 -15.68 33.28
N ASN D 57 -6.37 -16.21 32.52
CA ASN D 57 -7.76 -16.26 32.98
C ASN D 57 -8.37 -17.52 32.40
N SER D 58 -9.25 -18.14 33.18
CA SER D 58 -9.86 -19.39 32.79
C SER D 58 -11.24 -19.47 33.41
N TYR D 59 -12.04 -20.38 32.89
CA TYR D 59 -13.25 -20.82 33.56
C TYR D 59 -13.21 -22.34 33.69
N VAL D 60 -13.56 -22.84 34.87
CA VAL D 60 -13.62 -24.29 35.13
C VAL D 60 -15.03 -24.62 35.63
N ALA D 61 -15.71 -25.54 34.95
CA ALA D 61 -17.03 -25.99 35.39
C ALA D 61 -16.95 -26.55 36.81
N ASP D 62 -17.95 -26.19 37.61
CA ASP D 62 -17.91 -26.53 39.02
C ASP D 62 -17.82 -28.04 39.25
N SER D 63 -18.46 -28.82 38.36
CA SER D 63 -18.49 -30.27 38.53
C SER D 63 -17.13 -30.92 38.33
N VAL D 64 -16.22 -30.28 37.57
CA VAL D 64 -14.90 -30.87 37.30
C VAL D 64 -13.77 -30.16 38.04
N LYS D 65 -14.05 -29.08 38.76
CA LYS D 65 -12.97 -28.38 39.44
C LYS D 65 -12.27 -29.32 40.42
N GLY D 66 -10.95 -29.22 40.48
CA GLY D 66 -10.17 -30.16 41.27
C GLY D 66 -9.92 -31.50 40.61
N ARG D 67 -10.62 -31.84 39.53
CA ARG D 67 -10.40 -33.10 38.83
C ARG D 67 -9.78 -32.92 37.44
N PHE D 68 -10.08 -31.81 36.77
CA PHE D 68 -9.57 -31.48 35.44
C PHE D 68 -8.64 -30.27 35.54
N THR D 69 -7.56 -30.29 34.77
CA THR D 69 -6.65 -29.16 34.63
C THR D 69 -6.28 -29.01 33.15
N ILE D 70 -5.65 -27.89 32.82
CA ILE D 70 -5.21 -27.67 31.45
C ILE D 70 -3.71 -27.37 31.44
N SER D 71 -3.07 -27.66 30.31
CA SER D 71 -1.66 -27.36 30.13
C SER D 71 -1.44 -26.90 28.70
N ARG D 72 -0.24 -26.40 28.44
CA ARG D 72 0.10 -25.75 27.18
C ARG D 72 1.39 -26.34 26.62
N ASP D 73 1.43 -26.52 25.32
CA ASP D 73 2.68 -26.71 24.58
C ASP D 73 2.56 -25.85 23.33
N ASN D 74 2.76 -24.53 23.50
CA ASN D 74 2.61 -23.65 22.35
C ASN D 74 3.77 -23.77 21.37
N ALA D 75 4.88 -24.40 21.76
CA ALA D 75 5.87 -24.84 20.78
C ALA D 75 5.28 -25.84 19.82
N LYS D 76 4.36 -26.69 20.28
CA LYS D 76 3.66 -27.66 19.47
C LYS D 76 2.30 -27.16 19.02
N ASN D 77 1.95 -25.91 19.35
CA ASN D 77 0.63 -25.35 19.10
C ASN D 77 -0.49 -26.32 19.50
N THR D 78 -0.38 -26.88 20.71
CA THR D 78 -1.33 -27.84 21.27
C THR D 78 -1.60 -27.49 22.71
N VAL D 79 -2.86 -27.63 23.12
CA VAL D 79 -3.25 -27.49 24.52
C VAL D 79 -3.84 -28.81 24.99
N TYR D 80 -3.74 -29.08 26.29
CA TYR D 80 -4.13 -30.36 26.87
C TYR D 80 -5.23 -30.15 27.90
N LEU D 81 -6.18 -31.09 27.92
CA LEU D 81 -7.15 -31.23 29.02
C LEU D 81 -6.74 -32.47 29.82
N GLN D 82 -6.14 -32.26 30.97
CA GLN D 82 -5.74 -33.36 31.85
C GLN D 82 -6.93 -33.74 32.74
N MET D 83 -7.47 -34.94 32.54
CA MET D 83 -8.60 -35.42 33.34
C MET D 83 -8.07 -36.47 34.30
N ASN D 84 -7.72 -36.03 35.50
CA ASN D 84 -7.41 -36.92 36.61
C ASN D 84 -8.71 -37.31 37.33
N SER D 85 -8.76 -38.53 37.85
CA SER D 85 -9.95 -39.01 38.53
C SER D 85 -11.23 -38.77 37.73
N LEU D 86 -11.50 -39.59 36.73
CA LEU D 86 -12.75 -39.49 35.99
C LEU D 86 -13.90 -40.15 36.75
N LYS D 87 -15.08 -39.54 36.61
CA LYS D 87 -16.31 -40.01 37.22
C LYS D 87 -17.22 -40.55 36.14
N LEU D 88 -18.25 -41.28 36.56
CA LEU D 88 -19.20 -41.86 35.60
C LEU D 88 -19.95 -40.77 34.86
N GLU D 89 -20.24 -39.65 35.55
CA GLU D 89 -20.87 -38.49 34.91
C GLU D 89 -20.10 -37.99 33.68
N ASP D 90 -18.78 -38.21 33.63
CA ASP D 90 -17.93 -37.56 32.63
C ASP D 90 -18.00 -38.18 31.24
N THR D 91 -18.66 -39.32 31.07
CA THR D 91 -18.68 -39.94 29.74
C THR D 91 -19.30 -38.98 28.73
N ALA D 92 -18.64 -38.82 27.59
CA ALA D 92 -19.14 -37.91 26.58
C ALA D 92 -18.11 -37.71 25.48
N VAL D 93 -18.46 -37.01 24.42
CA VAL D 93 -17.50 -36.61 23.39
C VAL D 93 -16.96 -35.24 23.77
N TYR D 94 -15.65 -35.12 23.89
CA TYR D 94 -15.01 -33.88 24.30
C TYR D 94 -14.42 -33.20 23.08
N TYR D 95 -14.77 -31.94 22.86
CA TYR D 95 -14.22 -31.22 21.73
C TYR D 95 -13.81 -29.81 22.15
N CYS D 96 -12.87 -29.26 21.37
CA CYS D 96 -12.32 -27.95 21.65
C CYS D 96 -12.79 -26.93 20.62
N ALA D 97 -12.74 -25.67 21.02
CA ALA D 97 -13.19 -24.56 20.20
C ALA D 97 -12.24 -23.40 20.45
N ALA D 98 -12.07 -22.55 19.44
CA ALA D 98 -11.20 -21.39 19.56
C ALA D 98 -12.02 -20.15 19.29
N LYS D 99 -11.69 -19.07 20.00
CA LYS D 99 -12.27 -17.75 19.76
C LYS D 99 -11.12 -16.80 19.40
N MET D 100 -11.21 -16.19 18.22
CA MET D 100 -10.17 -15.28 17.75
C MET D 100 -9.91 -14.16 18.75
N GLY D 101 -8.64 -13.86 18.98
CA GLY D 101 -8.37 -12.63 19.68
C GLY D 101 -7.69 -12.83 21.03
N ARG D 102 -6.87 -11.83 21.41
CA ARG D 102 -6.21 -11.77 22.70
C ARG D 102 -7.07 -10.92 23.63
N ARG D 103 -7.86 -11.55 24.47
CA ARG D 103 -8.73 -10.81 25.39
C ARG D 103 -8.67 -11.47 26.76
N LEU D 104 -9.32 -10.83 27.73
CA LEU D 104 -9.38 -11.39 29.08
C LEU D 104 -10.52 -12.38 29.26
N ALA D 105 -11.69 -12.07 28.69
CA ALA D 105 -12.89 -12.85 28.95
C ALA D 105 -12.80 -14.26 28.36
N VAL D 106 -13.36 -15.21 29.09
CA VAL D 106 -13.44 -16.62 28.70
C VAL D 106 -14.91 -16.93 28.46
N SER D 107 -15.28 -17.03 27.19
CA SER D 107 -16.66 -17.31 26.80
C SER D 107 -17.04 -18.71 27.23
N ARG D 108 -18.29 -18.88 27.64
CA ARG D 108 -18.77 -20.17 28.12
C ARG D 108 -19.86 -20.77 27.24
N THR D 109 -20.19 -20.13 26.12
CA THR D 109 -21.21 -20.63 25.21
C THR D 109 -20.60 -20.81 23.84
N LEU D 110 -20.96 -21.94 23.19
CA LEU D 110 -20.23 -22.31 21.97
C LEU D 110 -20.46 -21.34 20.82
N GLU D 111 -21.63 -20.69 20.76
CA GLU D 111 -21.92 -19.79 19.65
C GLU D 111 -20.98 -18.58 19.63
N GLU D 112 -20.38 -18.22 20.78
CA GLU D 112 -19.41 -17.13 20.84
C GLU D 112 -18.07 -17.51 20.26
N TYR D 113 -17.78 -18.80 20.11
CA TYR D 113 -16.49 -19.21 19.57
C TYR D 113 -16.52 -19.16 18.05
N ASP D 114 -15.33 -19.15 17.46
CA ASP D 114 -15.19 -19.01 16.02
C ASP D 114 -14.93 -20.32 15.29
N PHE D 115 -14.41 -21.33 15.99
CA PHE D 115 -14.00 -22.58 15.35
C PHE D 115 -14.20 -23.73 16.34
N ARG D 116 -14.56 -24.91 15.81
CA ARG D 116 -14.67 -26.10 16.65
C ARG D 116 -14.05 -27.29 15.93
N GLY D 117 -13.58 -28.26 16.71
CA GLY D 117 -13.17 -29.55 16.20
C GLY D 117 -14.30 -30.55 16.38
N GLN D 118 -14.09 -31.76 15.84
CA GLN D 118 -15.15 -32.76 15.92
C GLN D 118 -15.17 -33.44 17.27
N GLY D 119 -14.00 -33.64 17.87
CA GLY D 119 -13.91 -34.19 19.21
C GLY D 119 -13.20 -35.53 19.25
N THR D 120 -13.21 -36.11 20.45
CA THR D 120 -12.60 -37.39 20.79
C THR D 120 -13.47 -37.99 21.88
N GLN D 121 -13.67 -39.31 21.83
CA GLN D 121 -14.66 -39.93 22.71
C GLN D 121 -14.02 -40.33 24.04
N VAL D 122 -14.78 -40.14 25.11
CA VAL D 122 -14.36 -40.46 26.47
C VAL D 122 -15.49 -41.28 27.11
N THR D 123 -15.23 -42.56 27.36
CA THR D 123 -16.19 -43.42 28.05
C THR D 123 -15.61 -43.86 29.39
N VAL D 124 -16.37 -43.68 30.45
CA VAL D 124 -15.98 -44.05 31.81
C VAL D 124 -16.93 -45.16 32.24
N SER D 125 -16.44 -46.41 32.17
CA SER D 125 -17.24 -47.59 32.51
C SER D 125 -16.62 -48.34 33.70
N SER D 126 -16.96 -49.62 33.84
CA SER D 126 -16.41 -50.44 34.93
C SER D 126 -16.64 -51.94 34.73
C1 EDO E . 8.89 -6.76 -29.05
O1 EDO E . 7.49 -6.74 -28.69
C2 EDO E . 9.43 -5.36 -29.07
O2 EDO E . 10.85 -5.37 -29.38
H11 EDO E . 9.01 -7.21 -30.05
H12 EDO E . 9.46 -7.36 -28.35
HO1 EDO E . 7.23 -7.62 -28.38
H21 EDO E . 9.27 -4.89 -28.09
H22 EDO E . 8.90 -4.76 -29.80
HO2 EDO E . 11.13 -4.50 -29.70
#